data_4U6U
#
_entry.id   4U6U
#
_cell.length_a   335.838
_cell.length_b   335.838
_cell.length_c   335.838
_cell.angle_alpha   90.000
_cell.angle_beta   90.000
_cell.angle_gamma   90.000
#
_symmetry.space_group_name_H-M   'F 4 3 2'
#
loop_
_entity.id
_entity.type
_entity.pdbx_description
1 polymer Cog7
2 polymer Cog5
#
loop_
_entity_poly.entity_id
_entity_poly.type
_entity_poly.pdbx_seq_one_letter_code
_entity_poly.pdbx_strand_id
1 'polypeptide(L)' MISGANDPLLDMFFDDDFVPQAFVDILLSSFQTSQLEELKTNCSSLLSKMDYYSGHITKELESTIQVLQKPAELIIY A,C
2 'polypeptide(L)'
;GSYNRLQQDILEPFERALKLQTVSSKIHQTTTLLRSSLIYVHMISQLQMMPLETDSTDDAALACGLKIAALHSQLKINIA
ANPNLATLQLIKSCENNVVSPNRQELLRYLSTNLTRDCLNNLKMENNPKRIVTLIKALYTLSPVDLFDTIDKVLSSKIQT
TAQVLSKTITSIRNFNLSLDDAMENRNSILTLQNLMAACAIEGNTNTLRNYLSQRKFSSLIDQFWSKVTNSFKRDFEMSY
NRGGPVGKSLQSNSNLIYEAISKCFGENDPSNELQGELQYILKAVSILDT
;
B,D
#
# COMPACT_ATOMS: atom_id res chain seq x y z
N ALA A 5 -2.07 -19.10 -12.69
CA ALA A 5 -3.25 -19.69 -12.07
C ALA A 5 -3.86 -18.78 -10.99
N ASN A 6 -3.02 -17.99 -10.30
CA ASN A 6 -3.44 -17.09 -9.18
C ASN A 6 -3.83 -17.83 -7.89
N ASP A 7 -4.02 -17.07 -6.81
CA ASP A 7 -4.26 -17.71 -5.51
C ASP A 7 -5.71 -18.12 -5.42
N PRO A 8 -5.96 -19.36 -4.96
CA PRO A 8 -7.30 -19.91 -4.78
C PRO A 8 -8.21 -18.90 -4.11
N LEU A 9 -7.73 -18.32 -3.01
CA LEU A 9 -8.52 -17.39 -2.21
C LEU A 9 -9.08 -16.28 -3.05
N LEU A 10 -8.24 -15.68 -3.90
CA LEU A 10 -8.74 -14.63 -4.76
C LEU A 10 -9.61 -15.22 -5.87
N ASP A 11 -9.19 -16.33 -6.46
CA ASP A 11 -9.96 -16.90 -7.57
C ASP A 11 -11.34 -17.37 -7.15
N MET A 12 -11.42 -17.83 -5.92
CA MET A 12 -12.66 -18.27 -5.35
C MET A 12 -13.70 -17.19 -5.49
N PHE A 13 -13.30 -15.97 -5.22
CA PHE A 13 -14.19 -14.83 -5.30
C PHE A 13 -14.64 -14.50 -6.72
N PHE A 14 -13.89 -14.92 -7.72
CA PHE A 14 -14.24 -14.61 -9.10
C PHE A 14 -15.28 -15.57 -9.65
N ASP A 15 -15.62 -16.56 -8.85
CA ASP A 15 -16.57 -17.62 -9.21
C ASP A 15 -17.99 -17.11 -9.03
N ASP A 16 -18.79 -17.25 -10.08
CA ASP A 16 -20.16 -16.73 -10.10
C ASP A 16 -21.00 -17.37 -9.02
N ASP A 17 -20.83 -18.68 -8.87
CA ASP A 17 -21.63 -19.42 -7.93
C ASP A 17 -21.07 -19.31 -6.52
N PHE A 18 -20.00 -18.54 -6.35
CA PHE A 18 -19.46 -18.35 -5.01
C PHE A 18 -20.48 -17.63 -4.20
N VAL A 19 -20.91 -18.23 -3.11
CA VAL A 19 -21.85 -17.56 -2.25
C VAL A 19 -21.24 -17.33 -0.85
N PRO A 20 -21.13 -16.05 -0.42
CA PRO A 20 -20.49 -15.70 0.85
C PRO A 20 -21.10 -16.41 2.06
N GLN A 21 -22.43 -16.44 2.19
CA GLN A 21 -23.05 -17.13 3.32
C GLN A 21 -22.57 -18.59 3.42
N ALA A 22 -22.34 -19.21 2.26
CA ALA A 22 -21.95 -20.60 2.22
C ALA A 22 -20.52 -20.79 2.67
N PHE A 23 -19.64 -19.92 2.20
CA PHE A 23 -18.21 -20.09 2.44
C PHE A 23 -17.84 -20.04 3.91
N VAL A 24 -18.36 -19.03 4.59
CA VAL A 24 -18.09 -18.81 6.01
C VAL A 24 -18.63 -19.99 6.81
N ASP A 25 -19.77 -20.50 6.36
CA ASP A 25 -20.45 -21.59 7.03
C ASP A 25 -19.56 -22.84 7.07
N ILE A 26 -18.96 -23.19 5.94
CA ILE A 26 -18.16 -24.41 5.85
C ILE A 26 -16.88 -24.17 6.66
N LEU A 27 -16.40 -22.92 6.66
CA LEU A 27 -15.13 -22.59 7.28
C LEU A 27 -15.15 -22.78 8.79
N LEU A 28 -16.04 -22.05 9.44
CA LEU A 28 -16.15 -22.04 10.89
C LEU A 28 -16.35 -23.44 11.48
N SER A 29 -16.99 -24.31 10.71
CA SER A 29 -17.14 -25.71 11.07
C SER A 29 -15.81 -26.45 11.04
N SER A 30 -15.07 -26.40 12.15
CA SER A 30 -13.81 -27.14 12.26
C SER A 30 -13.14 -27.33 13.65
N PHE A 31 -13.84 -27.44 14.79
CA PHE A 31 -15.24 -27.09 15.05
C PHE A 31 -15.17 -26.24 16.30
N GLN A 32 -16.26 -26.16 17.07
CA GLN A 32 -16.32 -25.18 18.17
C GLN A 32 -15.73 -25.74 19.46
N THR A 33 -16.28 -25.33 20.61
CA THR A 33 -15.81 -25.76 21.94
C THR A 33 -14.30 -25.68 22.17
N SER A 34 -13.92 -24.94 23.21
CA SER A 34 -12.51 -24.78 23.62
C SER A 34 -11.59 -24.40 22.46
N GLN A 35 -11.57 -25.21 21.41
CA GLN A 35 -10.70 -24.97 20.27
C GLN A 35 -11.30 -23.92 19.33
N LEU A 36 -12.12 -23.04 19.91
CA LEU A 36 -12.65 -21.88 19.24
C LEU A 36 -11.73 -20.66 19.41
N GLU A 37 -10.61 -20.85 20.12
CA GLU A 37 -9.56 -19.85 20.22
C GLU A 37 -8.60 -20.09 19.06
N GLU A 38 -8.47 -21.37 18.75
CA GLU A 38 -7.68 -21.88 17.65
C GLU A 38 -8.20 -21.28 16.35
N LEU A 39 -9.46 -21.59 16.04
CA LEU A 39 -10.11 -21.07 14.85
C LEU A 39 -10.32 -19.55 14.94
N LYS A 40 -10.17 -18.96 16.13
CA LYS A 40 -10.35 -17.52 16.24
C LYS A 40 -9.14 -16.79 15.69
N THR A 41 -7.94 -17.35 15.90
CA THR A 41 -6.73 -16.76 15.35
C THR A 41 -6.57 -17.09 13.87
N ASN A 42 -7.20 -18.16 13.42
CA ASN A 42 -7.12 -18.52 12.02
C ASN A 42 -7.92 -17.53 11.19
N CYS A 43 -9.12 -17.22 11.66
CA CYS A 43 -9.96 -16.26 10.98
C CYS A 43 -9.41 -14.83 10.96
N SER A 44 -8.66 -14.46 11.99
CA SER A 44 -8.04 -13.13 11.98
C SER A 44 -7.15 -12.94 10.77
N SER A 45 -6.26 -13.89 10.54
CA SER A 45 -5.31 -13.82 9.43
C SER A 45 -6.01 -13.92 8.08
N LEU A 46 -6.90 -14.88 7.97
CA LEU A 46 -7.69 -15.07 6.78
C LEU A 46 -8.41 -13.76 6.43
N LEU A 47 -8.95 -13.07 7.44
CA LEU A 47 -9.52 -11.73 7.27
C LEU A 47 -8.51 -10.70 6.69
N SER A 48 -7.25 -10.76 7.12
CA SER A 48 -6.29 -9.78 6.68
C SER A 48 -6.03 -9.89 5.19
N LYS A 49 -6.29 -11.05 4.66
CA LYS A 49 -5.76 -11.42 3.37
C LYS A 49 -6.91 -11.03 2.47
N MET A 50 -8.11 -11.36 2.93
CA MET A 50 -9.31 -10.88 2.31
C MET A 50 -9.30 -9.37 2.27
N ASP A 51 -8.83 -8.76 3.35
CA ASP A 51 -8.73 -7.32 3.34
C ASP A 51 -7.81 -6.82 2.23
N TYR A 52 -6.63 -7.43 2.08
CA TYR A 52 -5.71 -7.04 1.02
C TYR A 52 -6.40 -7.14 -0.35
N TYR A 53 -7.02 -8.29 -0.59
CA TYR A 53 -7.71 -8.54 -1.83
C TYR A 53 -8.80 -7.52 -2.07
N SER A 54 -9.52 -7.17 -1.02
CA SER A 54 -10.55 -6.19 -1.18
C SER A 54 -10.04 -4.86 -1.80
N GLY A 55 -8.89 -4.40 -1.32
CA GLY A 55 -8.31 -3.16 -1.79
C GLY A 55 -7.65 -3.28 -3.14
N HIS A 56 -7.15 -4.47 -3.41
CA HIS A 56 -6.57 -4.81 -4.69
C HIS A 56 -7.69 -4.73 -5.71
N ILE A 57 -8.80 -5.38 -5.41
CA ILE A 57 -9.87 -5.41 -6.38
C ILE A 57 -10.37 -3.98 -6.60
N THR A 58 -10.47 -3.19 -5.54
CA THR A 58 -10.92 -1.80 -5.66
C THR A 58 -9.98 -1.03 -6.55
N LYS A 59 -8.68 -1.21 -6.35
CA LYS A 59 -7.74 -0.56 -7.23
C LYS A 59 -7.92 -1.02 -8.68
N GLU A 60 -8.15 -2.32 -8.90
CA GLU A 60 -8.31 -2.82 -10.27
C GLU A 60 -9.55 -2.20 -10.88
N LEU A 61 -10.60 -2.11 -10.05
CA LEU A 61 -11.86 -1.48 -10.46
C LEU A 61 -11.67 -0.05 -10.91
N GLU A 62 -11.07 0.75 -10.04
CA GLU A 62 -10.77 2.15 -10.37
C GLU A 62 -10.08 2.24 -11.72
N SER A 63 -9.03 1.43 -11.91
CA SER A 63 -8.21 1.47 -13.11
C SER A 63 -9.02 1.08 -14.34
N THR A 64 -9.92 0.12 -14.17
CA THR A 64 -10.74 -0.36 -15.27
C THR A 64 -11.75 0.69 -15.76
N ILE A 65 -12.46 1.28 -14.82
CA ILE A 65 -13.43 2.31 -15.12
C ILE A 65 -12.78 3.51 -15.84
N GLN A 66 -11.53 3.84 -15.53
CA GLN A 66 -10.84 4.93 -16.24
C GLN A 66 -10.72 4.68 -17.74
N VAL A 67 -10.59 3.43 -18.14
CA VAL A 67 -10.41 3.12 -19.56
C VAL A 67 -11.72 3.25 -20.32
N LEU A 68 -12.82 3.16 -19.59
CA LEU A 68 -14.13 3.40 -20.17
C LEU A 68 -14.23 4.80 -20.74
N GLN A 69 -13.47 5.73 -20.16
CA GLN A 69 -13.32 7.07 -20.68
C GLN A 69 -12.54 7.07 -22.00
N LYS A 70 -13.26 7.37 -23.08
CA LYS A 70 -12.82 7.33 -24.48
C LYS A 70 -11.38 6.85 -24.75
N PRO A 71 -11.23 5.56 -25.15
CA PRO A 71 -9.94 4.96 -25.50
C PRO A 71 -9.63 5.03 -27.00
N GLN B 8 -16.16 -3.91 -30.74
CA GLN B 8 -16.39 -3.58 -29.34
C GLN B 8 -15.26 -4.06 -28.45
N ASP B 9 -14.17 -3.31 -28.45
CA ASP B 9 -13.14 -3.47 -27.44
C ASP B 9 -13.44 -2.40 -26.40
N ILE B 10 -14.74 -2.06 -26.35
CA ILE B 10 -15.30 -1.12 -25.39
C ILE B 10 -16.33 -1.87 -24.53
N LEU B 11 -16.78 -3.03 -25.00
CA LEU B 11 -17.65 -3.90 -24.20
C LEU B 11 -16.84 -4.70 -23.19
N GLU B 12 -15.67 -5.20 -23.59
CA GLU B 12 -14.84 -5.95 -22.64
C GLU B 12 -14.53 -5.14 -21.35
N PRO B 13 -14.12 -3.86 -21.49
CA PRO B 13 -13.87 -3.13 -20.24
C PRO B 13 -15.17 -2.92 -19.48
N PHE B 14 -16.25 -2.67 -20.18
CA PHE B 14 -17.53 -2.55 -19.50
C PHE B 14 -17.85 -3.89 -18.79
N GLU B 15 -17.64 -5.03 -19.45
CA GLU B 15 -17.85 -6.34 -18.80
C GLU B 15 -16.89 -6.55 -17.60
N ARG B 16 -15.60 -6.25 -17.79
CA ARG B 16 -14.62 -6.49 -16.73
C ARG B 16 -14.97 -5.70 -15.49
N ALA B 17 -15.44 -4.49 -15.71
CA ALA B 17 -15.82 -3.60 -14.63
C ALA B 17 -16.98 -4.14 -13.83
N LEU B 18 -17.97 -4.65 -14.55
CA LEU B 18 -19.16 -5.17 -13.93
C LEU B 18 -18.80 -6.34 -13.03
N LYS B 19 -17.88 -7.14 -13.54
CA LYS B 19 -17.45 -8.35 -12.87
C LYS B 19 -16.75 -8.00 -11.57
N LEU B 20 -15.84 -7.04 -11.68
CA LEU B 20 -15.08 -6.54 -10.55
C LEU B 20 -16.02 -6.02 -9.46
N GLN B 21 -17.08 -5.31 -9.84
CA GLN B 21 -18.07 -4.87 -8.86
C GLN B 21 -18.63 -6.06 -8.04
N THR B 22 -18.87 -7.16 -8.72
CA THR B 22 -19.42 -8.37 -8.12
C THR B 22 -18.41 -8.97 -7.16
N VAL B 23 -17.16 -9.07 -7.62
CA VAL B 23 -16.12 -9.59 -6.78
C VAL B 23 -15.98 -8.68 -5.55
N SER B 24 -16.01 -7.38 -5.74
CA SER B 24 -15.89 -6.49 -4.61
C SER B 24 -17.00 -6.77 -3.60
N SER B 25 -18.23 -6.81 -4.10
CA SER B 25 -19.37 -7.07 -3.22
C SER B 25 -19.27 -8.41 -2.52
N LYS B 26 -18.89 -9.45 -3.24
CA LYS B 26 -18.71 -10.75 -2.59
C LYS B 26 -17.62 -10.69 -1.50
N ILE B 27 -16.50 -9.99 -1.73
CA ILE B 27 -15.47 -9.95 -0.69
C ILE B 27 -16.00 -9.21 0.54
N HIS B 28 -16.70 -8.10 0.30
CA HIS B 28 -17.28 -7.34 1.40
C HIS B 28 -18.26 -8.13 2.26
N GLN B 29 -19.07 -8.97 1.61
CA GLN B 29 -20.07 -9.75 2.33
C GLN B 29 -19.37 -10.80 3.15
N THR B 30 -18.37 -11.43 2.54
CA THR B 30 -17.61 -12.47 3.21
C THR B 30 -16.91 -11.84 4.40
N THR B 31 -16.35 -10.68 4.16
CA THR B 31 -15.63 -10.01 5.22
C THR B 31 -16.57 -9.65 6.37
N THR B 32 -17.71 -9.06 6.05
CA THR B 32 -18.60 -8.57 7.08
C THR B 32 -19.11 -9.72 7.92
N LEU B 33 -19.59 -10.75 7.24
CA LEU B 33 -20.14 -11.91 7.91
C LEU B 33 -19.08 -12.53 8.85
N LEU B 34 -17.89 -12.72 8.30
CA LEU B 34 -16.79 -13.30 9.06
C LEU B 34 -16.47 -12.48 10.31
N ARG B 35 -16.50 -11.15 10.19
CA ARG B 35 -16.24 -10.31 11.33
C ARG B 35 -17.39 -10.37 12.34
N SER B 36 -18.65 -10.36 11.86
CA SER B 36 -19.80 -10.56 12.76
C SER B 36 -19.55 -11.81 13.60
N SER B 37 -19.13 -12.88 12.95
CA SER B 37 -18.85 -14.13 13.64
C SER B 37 -17.73 -13.95 14.67
N LEU B 38 -16.69 -13.25 14.25
CA LEU B 38 -15.51 -13.06 15.07
C LEU B 38 -15.90 -12.35 16.37
N ILE B 39 -16.53 -11.18 16.24
CA ILE B 39 -17.01 -10.43 17.37
C ILE B 39 -17.90 -11.30 18.27
N TYR B 40 -18.78 -12.10 17.68
CA TYR B 40 -19.66 -13.00 18.44
C TYR B 40 -18.84 -13.92 19.34
N VAL B 41 -17.92 -14.66 18.73
CA VAL B 41 -17.02 -15.54 19.46
C VAL B 41 -16.23 -14.87 20.59
N HIS B 42 -15.67 -13.69 20.33
CA HIS B 42 -14.93 -12.94 21.35
C HIS B 42 -15.82 -12.70 22.54
N MET B 43 -17.12 -12.56 22.26
CA MET B 43 -18.11 -12.33 23.30
C MET B 43 -18.41 -13.59 24.07
N ILE B 44 -18.57 -14.69 23.36
CA ILE B 44 -18.71 -15.97 24.00
C ILE B 44 -17.49 -16.30 24.86
N SER B 45 -16.31 -15.96 24.35
CA SER B 45 -15.12 -16.12 25.17
C SER B 45 -15.27 -15.30 26.45
N GLN B 46 -15.63 -14.03 26.29
CA GLN B 46 -15.82 -13.09 27.40
C GLN B 46 -16.94 -13.53 28.34
N LEU B 47 -17.88 -14.29 27.79
CA LEU B 47 -19.03 -14.82 28.55
C LEU B 47 -18.55 -15.90 29.50
N GLN B 48 -17.86 -16.90 28.97
CA GLN B 48 -17.35 -18.00 29.76
C GLN B 48 -16.27 -17.57 30.75
N MET B 49 -15.90 -16.29 30.71
CA MET B 49 -14.86 -15.77 31.58
C MET B 49 -15.48 -15.09 32.80
N MET B 50 -16.81 -15.11 32.86
CA MET B 50 -17.56 -14.58 33.99
C MET B 50 -18.35 -15.69 34.67
N PRO B 51 -17.81 -16.22 35.77
CA PRO B 51 -18.47 -17.26 36.56
C PRO B 51 -19.47 -16.58 37.45
N LEU B 52 -20.24 -17.35 38.21
CA LEU B 52 -21.18 -16.67 39.08
C LEU B 52 -20.95 -17.03 40.55
N GLU B 53 -22.03 -16.91 41.29
CA GLU B 53 -22.15 -17.36 42.65
C GLU B 53 -23.66 -17.58 42.68
N THR B 54 -24.09 -18.84 42.66
CA THR B 54 -25.52 -19.14 42.52
C THR B 54 -26.27 -19.24 43.85
N ASP B 55 -27.44 -18.60 43.90
CA ASP B 55 -28.35 -18.63 45.04
C ASP B 55 -27.67 -18.28 46.35
N SER B 56 -26.82 -17.26 46.26
CA SER B 56 -26.00 -16.77 47.35
C SER B 56 -25.88 -15.28 47.05
N THR B 57 -26.82 -14.55 47.64
CA THR B 57 -27.05 -13.13 47.42
C THR B 57 -26.13 -12.23 48.23
N ASP B 58 -24.82 -12.38 48.05
CA ASP B 58 -23.89 -11.73 48.95
C ASP B 58 -23.45 -10.37 48.40
N ASP B 59 -24.10 -9.97 47.29
CA ASP B 59 -24.56 -8.58 46.99
C ASP B 59 -24.24 -7.80 45.67
N ALA B 60 -23.02 -7.56 45.16
CA ALA B 60 -21.78 -8.37 45.10
C ALA B 60 -21.99 -9.52 44.12
N ALA B 61 -22.54 -10.64 44.58
CA ALA B 61 -22.79 -11.75 43.67
C ALA B 61 -23.84 -11.37 42.61
N LEU B 62 -24.63 -10.34 42.96
CA LEU B 62 -25.66 -9.78 42.07
C LEU B 62 -25.03 -8.82 41.08
N ALA B 63 -24.06 -8.03 41.54
CA ALA B 63 -23.33 -7.17 40.62
C ALA B 63 -22.70 -7.99 39.49
N CYS B 64 -22.24 -9.20 39.80
CA CYS B 64 -21.69 -10.07 38.76
C CYS B 64 -22.79 -10.53 37.81
N GLY B 65 -23.96 -10.81 38.37
CA GLY B 65 -25.07 -11.28 37.56
C GLY B 65 -25.55 -10.26 36.55
N LEU B 66 -25.50 -8.98 36.92
CA LEU B 66 -25.93 -7.93 36.01
C LEU B 66 -25.01 -7.83 34.79
N LYS B 67 -23.72 -8.04 35.00
CA LYS B 67 -22.76 -8.00 33.92
C LYS B 67 -23.03 -9.15 32.95
N ILE B 68 -23.27 -10.36 33.47
CA ILE B 68 -23.61 -11.49 32.59
C ILE B 68 -24.88 -11.20 31.80
N ALA B 69 -25.85 -10.56 32.43
CA ALA B 69 -27.10 -10.22 31.77
C ALA B 69 -26.87 -9.27 30.60
N ALA B 70 -26.07 -8.24 30.87
CA ALA B 70 -25.72 -7.24 29.87
C ALA B 70 -25.03 -7.88 28.66
N LEU B 71 -24.16 -8.84 28.93
CA LEU B 71 -23.49 -9.62 27.89
C LEU B 71 -24.54 -10.31 27.02
N HIS B 72 -25.58 -10.84 27.64
CA HIS B 72 -26.64 -11.48 26.87
C HIS B 72 -27.38 -10.48 26.00
N SER B 73 -27.46 -9.24 26.47
CA SER B 73 -28.10 -8.20 25.70
C SER B 73 -27.30 -7.97 24.44
N GLN B 74 -25.99 -7.90 24.60
CA GLN B 74 -25.07 -7.67 23.48
C GLN B 74 -25.19 -8.79 22.46
N LEU B 75 -25.20 -10.02 22.96
CA LEU B 75 -25.35 -11.19 22.11
C LEU B 75 -26.58 -11.04 21.20
N LYS B 76 -27.74 -10.75 21.81
CA LYS B 76 -28.97 -10.56 21.04
C LYS B 76 -28.82 -9.41 20.05
N ILE B 77 -28.06 -8.39 20.40
CA ILE B 77 -27.88 -7.28 19.47
C ILE B 77 -27.05 -7.70 18.27
N ASN B 78 -25.90 -8.29 18.53
CA ASN B 78 -25.03 -8.75 17.46
C ASN B 78 -25.76 -9.69 16.48
N ILE B 79 -26.58 -10.62 16.98
CA ILE B 79 -27.32 -11.54 16.09
C ILE B 79 -28.40 -10.82 15.27
N ALA B 80 -28.94 -9.73 15.80
CA ALA B 80 -30.03 -9.05 15.10
C ALA B 80 -29.48 -8.06 14.10
N ALA B 81 -28.29 -7.53 14.40
CA ALA B 81 -27.58 -6.62 13.51
C ALA B 81 -27.20 -7.29 12.19
N ASN B 82 -26.65 -8.51 12.27
CA ASN B 82 -26.56 -9.38 11.12
C ASN B 82 -27.39 -10.62 11.33
N PRO B 83 -28.63 -10.60 10.84
CA PRO B 83 -29.53 -11.75 10.83
C PRO B 83 -28.91 -12.95 10.13
N ASN B 84 -28.03 -12.67 9.17
CA ASN B 84 -27.28 -13.69 8.48
C ASN B 84 -26.50 -14.59 9.45
N LEU B 85 -26.14 -14.03 10.61
CA LEU B 85 -25.39 -14.74 11.65
C LEU B 85 -26.08 -15.99 12.17
N ALA B 86 -27.40 -15.97 12.24
CA ALA B 86 -28.16 -17.00 12.92
C ALA B 86 -28.11 -18.36 12.21
N THR B 87 -28.11 -18.32 10.89
CA THR B 87 -28.20 -19.54 10.09
C THR B 87 -26.82 -20.18 9.82
N LEU B 88 -25.93 -20.14 10.80
CA LEU B 88 -24.63 -20.79 10.66
C LEU B 88 -24.53 -21.96 11.63
N GLN B 89 -24.42 -23.19 11.10
CA GLN B 89 -24.34 -24.40 11.95
C GLN B 89 -23.17 -24.56 12.92
N LEU B 90 -22.48 -23.48 13.24
CA LEU B 90 -21.40 -23.51 14.20
C LEU B 90 -21.59 -22.33 15.13
N ILE B 91 -22.48 -21.44 14.74
CA ILE B 91 -22.93 -20.39 15.63
C ILE B 91 -24.12 -20.89 16.43
N LYS B 92 -24.97 -21.69 15.80
CA LYS B 92 -26.06 -22.35 16.50
C LYS B 92 -25.48 -23.34 17.50
N SER B 93 -24.47 -24.10 17.07
CA SER B 93 -23.89 -25.13 17.94
C SER B 93 -23.27 -24.59 19.22
N CYS B 94 -22.95 -23.31 19.28
CA CYS B 94 -22.51 -22.74 20.54
C CYS B 94 -23.70 -21.97 21.15
N GLU B 95 -24.67 -21.59 20.32
CA GLU B 95 -25.86 -20.87 20.80
C GLU B 95 -26.63 -21.70 21.83
N ASN B 96 -26.60 -23.01 21.70
CA ASN B 96 -27.29 -23.88 22.66
C ASN B 96 -26.32 -24.65 23.56
N ASN B 97 -25.03 -24.62 23.24
CA ASN B 97 -24.04 -25.34 24.03
C ASN B 97 -23.35 -24.47 25.06
N VAL B 98 -23.36 -23.17 24.84
CA VAL B 98 -22.71 -22.26 25.76
C VAL B 98 -23.69 -21.19 26.23
N VAL B 99 -24.40 -20.54 25.31
CA VAL B 99 -25.20 -19.38 25.71
C VAL B 99 -26.57 -19.78 26.23
N SER B 100 -27.25 -20.71 25.58
CA SER B 100 -28.55 -21.16 26.10
C SER B 100 -28.45 -21.82 27.51
N PRO B 101 -27.34 -22.50 27.83
CA PRO B 101 -27.15 -22.89 29.23
C PRO B 101 -26.78 -21.74 30.17
N ASN B 102 -25.75 -20.97 29.83
CA ASN B 102 -25.37 -19.80 30.62
C ASN B 102 -26.57 -18.89 30.89
N ARG B 103 -27.44 -18.81 29.90
CA ARG B 103 -28.67 -18.05 29.93
C ARG B 103 -29.54 -18.64 31.02
N GLN B 104 -29.84 -19.93 30.88
CA GLN B 104 -30.70 -20.62 31.82
C GLN B 104 -30.18 -20.67 33.25
N GLU B 105 -28.87 -20.79 33.44
CA GLU B 105 -28.33 -20.69 34.79
C GLU B 105 -28.56 -19.28 35.39
N LEU B 106 -28.44 -18.26 34.54
CA LEU B 106 -28.65 -16.87 34.94
C LEU B 106 -30.11 -16.63 35.31
N LEU B 107 -30.99 -17.18 34.48
CA LEU B 107 -32.44 -17.13 34.70
C LEU B 107 -32.82 -17.71 36.05
N ARG B 108 -32.25 -18.87 36.33
CA ARG B 108 -32.46 -19.56 37.58
C ARG B 108 -32.03 -18.59 38.66
N TYR B 109 -30.82 -18.06 38.54
CA TYR B 109 -30.28 -17.13 39.53
C TYR B 109 -31.22 -15.95 39.80
N LEU B 110 -31.76 -15.38 38.73
CA LEU B 110 -32.56 -14.17 38.89
C LEU B 110 -33.92 -14.45 39.50
N SER B 111 -34.62 -15.45 38.97
CA SER B 111 -35.98 -15.75 39.39
C SER B 111 -36.03 -16.26 40.83
N THR B 112 -35.05 -17.08 41.22
CA THR B 112 -35.03 -17.58 42.58
C THR B 112 -34.62 -16.47 43.55
N ASN B 113 -33.78 -15.55 43.10
CA ASN B 113 -33.40 -14.43 43.97
C ASN B 113 -34.54 -13.41 44.11
N LEU B 114 -35.33 -13.25 43.06
CA LEU B 114 -36.46 -12.34 43.08
C LEU B 114 -37.63 -12.93 43.87
N THR B 115 -37.89 -14.23 43.67
CA THR B 115 -38.98 -14.88 44.39
C THR B 115 -38.71 -14.80 45.90
N ARG B 116 -37.50 -15.17 46.29
CA ARG B 116 -37.06 -15.16 47.68
C ARG B 116 -37.12 -13.76 48.28
N ASP B 117 -36.75 -12.76 47.50
CA ASP B 117 -36.74 -11.40 48.00
C ASP B 117 -38.17 -10.84 48.09
N CYS B 118 -39.12 -11.49 47.45
CA CYS B 118 -40.50 -11.01 47.50
C CYS B 118 -41.34 -11.67 48.59
N LEU B 119 -41.05 -12.93 48.87
CA LEU B 119 -41.82 -13.70 49.84
C LEU B 119 -41.37 -13.39 51.26
N ASN B 120 -40.33 -12.56 51.39
CA ASN B 120 -39.83 -12.21 52.71
C ASN B 120 -40.59 -11.03 53.33
N ASN B 121 -41.53 -10.44 52.59
CA ASN B 121 -42.34 -9.31 53.06
C ASN B 121 -41.56 -8.13 53.62
N LEU B 122 -40.44 -8.41 54.29
CA LEU B 122 -39.54 -7.39 54.84
C LEU B 122 -38.80 -6.67 53.72
N LYS B 123 -38.04 -7.45 52.96
CA LYS B 123 -37.28 -6.96 51.82
C LYS B 123 -38.20 -6.21 50.88
N MET B 124 -39.45 -6.66 50.83
CA MET B 124 -40.50 -6.01 50.05
C MET B 124 -40.61 -4.52 50.34
N GLU B 125 -40.49 -4.12 51.60
CA GLU B 125 -40.49 -2.71 51.96
C GLU B 125 -39.06 -2.15 52.16
N ASN B 126 -38.16 -2.99 52.67
CA ASN B 126 -36.79 -2.58 53.05
C ASN B 126 -35.89 -2.31 51.85
N ASN B 127 -35.96 -3.18 50.85
CA ASN B 127 -35.18 -3.03 49.62
C ASN B 127 -36.05 -2.90 48.39
N PRO B 128 -36.76 -1.78 48.22
CA PRO B 128 -37.58 -1.67 47.02
C PRO B 128 -36.67 -1.48 45.82
N LYS B 129 -35.56 -0.78 46.04
CA LYS B 129 -34.62 -0.49 44.97
C LYS B 129 -33.94 -1.78 44.47
N ARG B 130 -33.69 -2.73 45.37
CA ARG B 130 -33.09 -4.02 44.98
C ARG B 130 -34.03 -4.81 44.08
N ILE B 131 -35.28 -4.92 44.49
CA ILE B 131 -36.31 -5.67 43.77
C ILE B 131 -36.63 -5.09 42.41
N VAL B 132 -36.70 -3.76 42.32
CA VAL B 132 -36.90 -3.10 41.04
C VAL B 132 -35.82 -3.51 40.05
N THR B 133 -34.59 -3.62 40.54
CA THR B 133 -33.47 -4.01 39.69
C THR B 133 -33.68 -5.43 39.16
N LEU B 134 -34.12 -6.32 40.04
CA LEU B 134 -34.43 -7.70 39.66
C LEU B 134 -35.53 -7.77 38.59
N ILE B 135 -36.60 -6.99 38.77
CA ILE B 135 -37.70 -6.96 37.79
C ILE B 135 -37.22 -6.55 36.41
N LYS B 136 -36.57 -5.39 36.35
CA LYS B 136 -36.10 -4.84 35.07
C LYS B 136 -35.15 -5.85 34.41
N ALA B 137 -34.24 -6.38 35.21
CA ALA B 137 -33.22 -7.30 34.72
C ALA B 137 -33.85 -8.53 34.07
N LEU B 138 -34.70 -9.20 34.83
CA LEU B 138 -35.33 -10.44 34.38
C LEU B 138 -36.19 -10.24 33.14
N TYR B 139 -36.93 -9.12 33.08
CA TYR B 139 -37.74 -8.80 31.91
C TYR B 139 -36.92 -8.67 30.65
N THR B 140 -35.79 -7.97 30.77
CA THR B 140 -34.91 -7.76 29.63
C THR B 140 -34.37 -9.08 29.06
N LEU B 141 -33.94 -9.97 29.95
CA LEU B 141 -33.38 -11.27 29.56
C LEU B 141 -34.40 -12.15 28.86
N SER B 142 -35.58 -12.26 29.47
CA SER B 142 -36.62 -13.17 29.01
C SER B 142 -37.91 -12.84 29.74
N PRO B 143 -38.70 -11.92 29.17
CA PRO B 143 -39.92 -11.37 29.76
C PRO B 143 -40.90 -12.43 30.27
N VAL B 144 -41.02 -13.52 29.52
CA VAL B 144 -41.96 -14.58 29.90
C VAL B 144 -41.57 -15.22 31.24
N ASP B 145 -40.27 -15.20 31.55
CA ASP B 145 -39.77 -15.77 32.78
C ASP B 145 -40.05 -14.85 33.96
N LEU B 146 -40.06 -13.54 33.72
CA LEU B 146 -40.45 -12.60 34.76
C LEU B 146 -41.89 -12.86 35.19
N PHE B 147 -42.74 -13.20 34.24
CA PHE B 147 -44.14 -13.44 34.53
C PHE B 147 -44.35 -14.78 35.24
N ASP B 148 -43.69 -15.81 34.72
CA ASP B 148 -43.72 -17.15 35.31
C ASP B 148 -43.05 -17.14 36.66
N THR B 149 -42.36 -16.05 36.97
CA THR B 149 -41.80 -15.85 38.29
C THR B 149 -42.81 -15.09 39.13
N ILE B 150 -43.40 -14.04 38.57
CA ILE B 150 -44.42 -13.30 39.29
C ILE B 150 -45.62 -14.22 39.52
N ASP B 151 -45.95 -15.02 38.50
CA ASP B 151 -46.95 -16.07 38.66
C ASP B 151 -46.69 -16.87 39.92
N LYS B 152 -45.48 -17.42 40.00
CA LYS B 152 -45.10 -18.30 41.09
C LYS B 152 -45.13 -17.60 42.43
N VAL B 153 -44.67 -16.35 42.47
CA VAL B 153 -44.70 -15.56 43.71
C VAL B 153 -46.11 -15.30 44.20
N LEU B 154 -46.95 -14.82 43.29
CA LEU B 154 -48.34 -14.50 43.61
C LEU B 154 -49.03 -15.74 44.15
N SER B 155 -48.89 -16.84 43.42
CA SER B 155 -49.50 -18.10 43.79
C SER B 155 -49.03 -18.58 45.18
N SER B 156 -47.83 -18.16 45.57
CA SER B 156 -47.27 -18.57 46.85
C SER B 156 -47.90 -17.77 47.98
N LYS B 157 -48.10 -16.48 47.76
CA LYS B 157 -48.69 -15.66 48.79
C LYS B 157 -50.16 -16.05 49.03
N ILE B 158 -50.92 -16.28 47.96
CA ILE B 158 -52.31 -16.73 48.10
C ILE B 158 -52.33 -18.03 48.91
N GLN B 159 -51.42 -18.95 48.61
CA GLN B 159 -51.37 -20.23 49.29
C GLN B 159 -51.09 -20.08 50.79
N THR B 160 -50.10 -19.27 51.16
CA THR B 160 -49.74 -19.09 52.57
C THR B 160 -50.84 -18.41 53.38
N THR B 161 -51.45 -17.36 52.83
CA THR B 161 -52.51 -16.65 53.53
C THR B 161 -53.82 -17.46 53.61
N ALA B 162 -54.20 -18.07 52.50
CA ALA B 162 -55.39 -18.91 52.47
C ALA B 162 -55.28 -20.02 53.52
N GLN B 163 -54.08 -20.55 53.64
CA GLN B 163 -53.78 -21.55 54.66
C GLN B 163 -53.89 -21.01 56.10
N VAL B 164 -53.38 -19.79 56.34
CA VAL B 164 -53.38 -19.24 57.70
C VAL B 164 -54.80 -18.88 58.16
N LEU B 165 -55.67 -18.49 57.23
CA LEU B 165 -57.08 -18.23 57.56
C LEU B 165 -57.82 -19.51 57.92
N SER B 166 -57.69 -20.54 57.09
CA SER B 166 -58.37 -21.80 57.35
C SER B 166 -57.94 -22.44 58.66
N LYS B 167 -56.70 -22.21 59.07
CA LYS B 167 -56.23 -22.81 60.32
C LYS B 167 -57.03 -22.32 61.54
N THR B 168 -57.59 -21.12 61.48
CA THR B 168 -58.39 -20.63 62.61
C THR B 168 -59.86 -21.05 62.58
N ILE B 169 -60.30 -21.75 61.55
CA ILE B 169 -61.69 -22.22 61.49
C ILE B 169 -61.99 -23.10 62.70
N THR B 170 -61.01 -23.90 63.09
CA THR B 170 -61.12 -24.74 64.27
C THR B 170 -60.77 -23.98 65.55
N SER B 171 -60.68 -22.66 65.43
CA SER B 171 -60.43 -21.77 66.57
C SER B 171 -60.72 -20.33 66.17
N ILE B 172 -61.98 -20.03 65.82
CA ILE B 172 -62.40 -18.73 65.26
C ILE B 172 -62.25 -17.59 66.26
N ARG B 173 -61.92 -17.93 67.49
CA ARG B 173 -61.68 -16.90 68.48
C ARG B 173 -60.49 -16.05 68.03
N ASN B 174 -59.55 -16.71 67.34
CA ASN B 174 -58.35 -16.06 66.85
C ASN B 174 -58.46 -15.50 65.43
N PHE B 175 -59.68 -15.41 64.91
CA PHE B 175 -59.92 -15.01 63.53
C PHE B 175 -59.41 -13.60 63.19
N ASN B 176 -59.47 -12.67 64.15
CA ASN B 176 -58.95 -11.32 63.92
C ASN B 176 -57.45 -11.34 63.60
N LEU B 177 -56.72 -12.22 64.26
CA LEU B 177 -55.27 -12.34 64.05
C LEU B 177 -54.91 -12.87 62.66
N SER B 178 -55.62 -13.90 62.24
CA SER B 178 -55.44 -14.45 60.90
C SER B 178 -55.82 -13.42 59.83
N LEU B 179 -56.94 -12.75 60.06
CA LEU B 179 -57.47 -11.73 59.16
C LEU B 179 -56.50 -10.54 59.02
N ASP B 180 -55.64 -10.38 60.02
CA ASP B 180 -54.55 -9.39 59.97
C ASP B 180 -53.40 -9.87 59.08
N ASP B 181 -52.95 -11.11 59.29
CA ASP B 181 -51.90 -11.73 58.47
C ASP B 181 -52.25 -11.77 56.99
N ALA B 182 -53.54 -11.82 56.68
CA ALA B 182 -53.98 -11.74 55.29
C ALA B 182 -53.75 -10.35 54.71
N MET B 183 -53.98 -9.32 55.52
CA MET B 183 -53.74 -7.94 55.11
C MET B 183 -52.24 -7.65 54.97
N GLU B 184 -51.43 -8.34 55.77
CA GLU B 184 -49.97 -8.24 55.68
C GLU B 184 -49.46 -8.50 54.27
N ASN B 185 -49.92 -9.62 53.70
CA ASN B 185 -49.58 -10.02 52.34
C ASN B 185 -50.26 -9.13 51.33
N ARG B 186 -51.54 -8.82 51.58
CA ARG B 186 -52.34 -7.92 50.75
C ARG B 186 -51.60 -6.62 50.48
N ASN B 187 -51.00 -6.09 51.53
CA ASN B 187 -50.16 -4.89 51.46
C ASN B 187 -48.89 -5.13 50.66
N SER B 188 -48.25 -6.28 50.86
CA SER B 188 -47.02 -6.63 50.14
C SER B 188 -47.30 -6.68 48.65
N ILE B 189 -48.50 -7.09 48.31
CA ILE B 189 -48.94 -7.17 46.92
C ILE B 189 -49.28 -5.77 46.39
N LEU B 190 -49.81 -4.93 47.29
CA LEU B 190 -50.13 -3.55 46.94
C LEU B 190 -48.85 -2.85 46.52
N THR B 191 -47.79 -3.07 47.30
CA THR B 191 -46.51 -2.45 47.03
C THR B 191 -45.70 -3.15 45.93
N LEU B 192 -46.03 -4.39 45.58
CA LEU B 192 -45.34 -5.08 44.47
C LEU B 192 -45.80 -4.59 43.11
N GLN B 193 -47.09 -4.29 43.01
CA GLN B 193 -47.66 -3.88 41.74
C GLN B 193 -47.33 -2.42 41.42
N ASN B 194 -46.60 -1.76 42.31
CA ASN B 194 -46.35 -0.32 42.16
C ASN B 194 -45.25 0.30 41.25
N LEU B 195 -43.94 0.03 41.26
CA LEU B 195 -43.07 -1.11 41.61
C LEU B 195 -42.99 -1.98 40.37
N MET B 196 -44.06 -2.67 39.99
CA MET B 196 -44.05 -3.31 38.69
C MET B 196 -44.32 -2.27 37.62
N ALA B 197 -45.27 -1.38 37.90
CA ALA B 197 -45.59 -0.29 36.98
C ALA B 197 -44.46 0.73 36.89
N ALA B 198 -43.64 0.81 37.94
CA ALA B 198 -42.54 1.78 38.00
C ALA B 198 -41.47 1.41 36.99
N CYS B 199 -41.49 0.16 36.56
CA CYS B 199 -40.57 -0.34 35.55
C CYS B 199 -41.16 -0.19 34.15
N ALA B 200 -40.63 0.78 33.40
CA ALA B 200 -41.16 1.15 32.09
C ALA B 200 -40.64 0.23 30.99
N ILE B 201 -41.33 0.24 29.84
CA ILE B 201 -40.98 -0.56 28.67
C ILE B 201 -40.87 0.32 27.42
N GLU B 202 -40.64 -0.31 26.27
CA GLU B 202 -40.55 0.36 24.99
C GLU B 202 -41.68 1.35 24.74
N GLY B 203 -41.32 2.59 24.40
CA GLY B 203 -42.29 3.58 23.96
C GLY B 203 -43.26 4.00 25.04
N ASN B 204 -44.14 3.07 25.41
CA ASN B 204 -45.15 3.30 26.43
C ASN B 204 -45.28 2.17 27.43
N THR B 205 -46.37 2.19 28.20
CA THR B 205 -46.82 1.14 29.12
C THR B 205 -45.82 0.88 30.25
N ASN B 206 -46.00 -0.27 30.88
CA ASN B 206 -45.16 -0.71 31.98
C ASN B 206 -45.25 -2.22 32.14
N THR B 207 -44.50 -2.78 33.08
CA THR B 207 -44.47 -4.24 33.26
C THR B 207 -45.75 -4.74 33.90
N LEU B 208 -46.39 -3.92 34.71
CA LEU B 208 -47.61 -4.33 35.38
C LEU B 208 -48.72 -4.50 34.36
N ARG B 209 -48.96 -3.45 33.59
CA ARG B 209 -50.02 -3.45 32.57
C ARG B 209 -49.84 -4.63 31.61
N ASN B 210 -48.60 -4.91 31.27
CA ASN B 210 -48.23 -5.96 30.31
C ASN B 210 -48.46 -7.36 30.88
N TYR B 211 -48.16 -7.53 32.17
CA TYR B 211 -48.48 -8.76 32.86
C TYR B 211 -49.99 -8.94 32.92
N LEU B 212 -50.67 -7.92 33.42
CA LEU B 212 -52.13 -7.94 33.54
C LEU B 212 -52.87 -8.12 32.21
N SER B 213 -52.23 -7.75 31.11
CA SER B 213 -52.81 -7.93 29.78
C SER B 213 -52.75 -9.39 29.32
N GLN B 214 -51.64 -10.08 29.60
CA GLN B 214 -51.48 -11.47 29.17
C GLN B 214 -52.03 -12.43 30.22
N ARG B 215 -52.77 -11.88 31.18
CA ARG B 215 -53.45 -12.65 32.20
C ARG B 215 -54.91 -12.24 32.30
N LYS B 216 -55.72 -13.10 32.92
CA LYS B 216 -57.11 -12.76 33.18
C LYS B 216 -57.14 -11.46 33.99
N PHE B 217 -56.20 -11.41 34.93
CA PHE B 217 -56.23 -10.56 36.11
C PHE B 217 -56.38 -9.09 35.75
N SER B 218 -56.93 -8.32 36.68
CA SER B 218 -57.12 -6.89 36.51
C SER B 218 -56.13 -6.13 37.39
N SER B 219 -55.96 -6.61 38.61
CA SER B 219 -54.91 -6.13 39.50
C SER B 219 -54.33 -7.34 40.20
N LEU B 220 -53.16 -7.21 40.80
CA LEU B 220 -52.59 -8.31 41.56
C LEU B 220 -53.44 -8.57 42.79
N ILE B 221 -53.90 -7.50 43.43
CA ILE B 221 -54.81 -7.65 44.57
C ILE B 221 -56.06 -8.43 44.17
N ASP B 222 -56.68 -8.06 43.05
CA ASP B 222 -57.94 -8.69 42.66
C ASP B 222 -57.82 -10.21 42.50
N GLN B 223 -56.76 -10.67 41.87
CA GLN B 223 -56.60 -12.11 41.72
C GLN B 223 -56.16 -12.71 43.04
N PHE B 224 -55.42 -11.95 43.83
CA PHE B 224 -55.04 -12.43 45.16
C PHE B 224 -56.24 -12.76 46.04
N TRP B 225 -57.08 -11.77 46.33
CA TRP B 225 -58.26 -12.01 47.16
C TRP B 225 -59.15 -13.07 46.57
N SER B 226 -59.46 -12.94 45.28
CA SER B 226 -60.34 -13.88 44.62
C SER B 226 -59.90 -15.31 44.88
N LYS B 227 -58.62 -15.59 44.70
CA LYS B 227 -58.12 -16.94 44.92
C LYS B 227 -58.10 -17.35 46.40
N VAL B 228 -57.67 -16.49 47.33
CA VAL B 228 -57.64 -16.94 48.74
C VAL B 228 -59.06 -17.06 49.24
N THR B 229 -59.94 -16.22 48.70
CA THR B 229 -61.35 -16.23 49.09
C THR B 229 -61.96 -17.58 48.74
N ASN B 230 -61.55 -18.18 47.63
CA ASN B 230 -62.11 -19.47 47.26
C ASN B 230 -61.65 -20.55 48.22
N SER B 231 -60.34 -20.76 48.33
CA SER B 231 -59.84 -21.90 49.09
C SER B 231 -60.04 -21.69 50.60
N PHE B 232 -60.64 -20.56 50.95
CA PHE B 232 -61.02 -20.33 52.32
C PHE B 232 -62.51 -20.47 52.45
N LYS B 233 -63.23 -19.98 51.45
CA LYS B 233 -64.67 -20.20 51.34
C LYS B 233 -64.98 -21.69 51.35
N ARG B 234 -64.24 -22.43 50.53
CA ARG B 234 -64.49 -23.86 50.38
C ARG B 234 -64.33 -24.54 51.73
N ASP B 235 -63.29 -24.15 52.46
CA ASP B 235 -62.98 -24.74 53.76
C ASP B 235 -64.02 -24.39 54.81
N PHE B 236 -64.37 -23.11 54.83
CA PHE B 236 -65.34 -22.61 55.78
C PHE B 236 -66.65 -23.35 55.61
N GLU B 237 -67.15 -23.37 54.39
CA GLU B 237 -68.47 -23.91 54.13
C GLU B 237 -68.46 -25.41 54.32
N MET B 238 -67.37 -26.07 53.95
CA MET B 238 -67.27 -27.51 54.16
C MET B 238 -67.43 -27.84 55.62
N SER B 239 -66.88 -26.95 56.44
CA SER B 239 -66.84 -27.13 57.88
C SER B 239 -68.18 -26.81 58.50
N TYR B 240 -68.83 -25.76 57.99
CA TYR B 240 -70.16 -25.31 58.42
C TYR B 240 -71.26 -26.33 58.06
N ASN B 241 -71.19 -26.88 56.85
CA ASN B 241 -72.17 -27.83 56.32
C ASN B 241 -72.09 -29.16 57.07
N ARG B 242 -70.86 -29.56 57.37
CA ARG B 242 -70.64 -30.66 58.29
C ARG B 242 -71.18 -30.18 59.63
N GLY B 243 -72.14 -30.90 60.17
CA GLY B 243 -72.83 -30.42 61.35
C GLY B 243 -72.03 -30.50 62.64
N GLY B 244 -70.71 -30.65 62.51
CA GLY B 244 -69.85 -30.86 63.66
C GLY B 244 -69.77 -29.66 64.57
N PRO B 245 -69.12 -29.84 65.73
CA PRO B 245 -68.90 -28.79 66.72
C PRO B 245 -68.24 -27.51 66.18
N VAL B 246 -67.17 -27.63 65.38
CA VAL B 246 -66.54 -26.43 64.82
C VAL B 246 -67.55 -25.76 63.87
N GLY B 247 -68.28 -26.57 63.11
CA GLY B 247 -69.30 -26.05 62.21
C GLY B 247 -70.36 -25.31 63.00
N LYS B 248 -70.66 -25.78 64.20
CA LYS B 248 -71.59 -25.07 65.08
C LYS B 248 -70.94 -23.88 65.78
N SER B 249 -69.64 -23.96 66.06
CA SER B 249 -68.94 -22.83 66.68
C SER B 249 -68.83 -21.72 65.65
N LEU B 250 -68.81 -22.13 64.39
CA LEU B 250 -68.87 -21.17 63.29
C LEU B 250 -70.11 -20.32 63.41
N GLN B 251 -71.25 -20.98 63.58
CA GLN B 251 -72.50 -20.25 63.70
C GLN B 251 -72.62 -19.48 65.03
N SER B 252 -72.28 -20.12 66.15
CA SER B 252 -72.40 -19.48 67.47
C SER B 252 -71.48 -18.24 67.63
N ASN B 253 -70.38 -18.20 66.88
CA ASN B 253 -69.47 -17.06 66.92
C ASN B 253 -69.67 -16.11 65.75
N SER B 254 -70.85 -16.21 65.12
CA SER B 254 -71.11 -15.52 63.85
C SER B 254 -70.90 -14.00 63.86
N ASN B 255 -71.34 -13.32 64.91
CA ASN B 255 -71.16 -11.87 64.94
C ASN B 255 -69.67 -11.51 65.09
N LEU B 256 -68.97 -12.23 65.96
CA LEU B 256 -67.53 -11.99 66.19
C LEU B 256 -66.74 -11.94 64.88
N ILE B 257 -67.05 -12.89 63.99
CA ILE B 257 -66.45 -12.95 62.67
C ILE B 257 -66.75 -11.66 61.90
N TYR B 258 -68.04 -11.35 61.74
CA TYR B 258 -68.48 -10.19 60.99
C TYR B 258 -67.95 -8.91 61.64
N GLU B 259 -67.81 -8.98 62.97
CA GLU B 259 -67.22 -7.90 63.75
C GLU B 259 -65.72 -7.75 63.48
N ALA B 260 -64.98 -8.85 63.62
CA ALA B 260 -63.54 -8.83 63.37
C ALA B 260 -63.22 -8.39 61.94
N ILE B 261 -64.14 -8.67 61.01
CA ILE B 261 -63.99 -8.29 59.61
C ILE B 261 -64.04 -6.79 59.39
N SER B 262 -65.04 -6.13 59.96
CA SER B 262 -65.20 -4.70 59.75
C SER B 262 -64.08 -3.95 60.46
N LYS B 263 -63.65 -4.49 61.60
CA LYS B 263 -62.55 -3.94 62.40
C LYS B 263 -61.18 -4.08 61.75
N CYS B 264 -61.16 -4.43 60.46
CA CYS B 264 -59.95 -4.75 59.71
C CYS B 264 -60.15 -4.34 58.25
N PHE B 265 -61.36 -3.94 57.90
CA PHE B 265 -61.66 -3.56 56.53
C PHE B 265 -62.38 -2.22 56.40
N GLY B 266 -63.31 -1.93 57.31
CA GLY B 266 -63.98 -0.64 57.28
C GLY B 266 -65.48 -0.64 56.99
N GLU B 267 -65.92 -1.66 56.25
CA GLU B 267 -67.34 -1.91 55.96
C GLU B 267 -68.01 -1.01 54.90
N ASN B 268 -67.89 -1.47 53.65
CA ASN B 268 -68.80 -1.17 52.53
C ASN B 268 -68.79 0.21 51.85
N ASP B 269 -69.88 0.45 51.12
CA ASP B 269 -69.99 1.42 50.02
C ASP B 269 -69.35 2.81 50.11
N PRO B 270 -69.79 3.65 51.07
CA PRO B 270 -69.44 5.05 50.91
C PRO B 270 -67.94 5.35 50.99
N SER B 271 -67.43 5.46 52.21
CA SER B 271 -66.02 5.70 52.46
C SER B 271 -65.08 4.59 51.99
N ASN B 272 -64.05 4.36 52.80
CA ASN B 272 -63.01 3.38 52.56
C ASN B 272 -62.28 3.51 51.21
N GLU B 273 -62.04 2.35 50.62
CA GLU B 273 -61.28 2.14 49.39
C GLU B 273 -60.95 0.68 49.46
N LEU B 274 -60.97 0.18 50.70
CA LEU B 274 -60.78 -1.24 51.00
C LEU B 274 -62.09 -1.96 50.76
N GLN B 275 -63.06 -1.25 50.22
CA GLN B 275 -64.32 -1.85 49.83
C GLN B 275 -64.02 -2.63 48.57
N GLY B 276 -64.83 -3.65 48.30
CA GLY B 276 -64.63 -4.49 47.13
C GLY B 276 -63.59 -5.53 47.45
N GLU B 277 -62.43 -5.08 47.93
CA GLU B 277 -61.39 -5.97 48.40
C GLU B 277 -61.92 -6.56 49.71
N LEU B 278 -62.74 -5.76 50.40
CA LEU B 278 -63.51 -6.25 51.54
C LEU B 278 -64.58 -7.24 51.10
N GLN B 279 -65.16 -7.00 49.94
CA GLN B 279 -66.33 -7.78 49.53
C GLN B 279 -66.03 -9.27 49.29
N TYR B 280 -64.79 -9.57 48.89
CA TYR B 280 -64.38 -10.97 48.73
C TYR B 280 -64.47 -11.73 50.06
N ILE B 281 -63.87 -11.16 51.11
CA ILE B 281 -63.82 -11.82 52.43
C ILE B 281 -65.23 -11.99 53.03
N LEU B 282 -66.15 -11.13 52.63
CA LEU B 282 -67.54 -11.27 53.07
C LEU B 282 -68.23 -12.47 52.43
N LYS B 283 -68.01 -12.67 51.13
CA LYS B 283 -68.66 -13.75 50.40
C LYS B 283 -68.20 -15.13 50.86
N ALA B 284 -66.94 -15.22 51.26
CA ALA B 284 -66.37 -16.48 51.73
C ALA B 284 -67.13 -16.93 52.96
N VAL B 285 -67.53 -15.96 53.77
CA VAL B 285 -68.14 -16.20 55.05
C VAL B 285 -69.60 -15.81 54.93
N SER B 286 -70.41 -16.60 54.24
CA SER B 286 -71.77 -16.14 53.89
C SER B 286 -72.86 -17.18 54.15
N ILE B 287 -72.48 -18.36 54.63
CA ILE B 287 -73.46 -19.39 55.01
C ILE B 287 -74.09 -19.08 56.36
N LEU B 288 -73.65 -18.00 57.00
CA LEU B 288 -74.12 -17.58 58.32
C LEU B 288 -75.63 -17.33 58.23
N ASP B 289 -76.10 -17.21 57.00
CA ASP B 289 -77.52 -17.14 56.68
C ASP B 289 -78.07 -18.57 56.47
N ALA C 5 -9.67 -13.81 -12.89
CA ALA C 5 -8.99 -13.33 -11.68
C ALA C 5 -7.95 -12.22 -11.95
N ASN C 6 -7.30 -12.22 -13.11
CA ASN C 6 -6.30 -11.19 -13.36
C ASN C 6 -6.65 -10.25 -14.53
N ASP C 7 -5.99 -9.10 -14.55
CA ASP C 7 -6.16 -8.07 -15.57
C ASP C 7 -5.26 -8.41 -16.76
N PRO C 8 -5.69 -8.10 -17.99
CA PRO C 8 -4.86 -8.37 -19.17
C PRO C 8 -3.38 -8.03 -18.96
N LEU C 9 -3.09 -6.84 -18.45
CA LEU C 9 -1.69 -6.43 -18.27
C LEU C 9 -0.95 -7.37 -17.34
N LEU C 10 -1.58 -7.74 -16.24
CA LEU C 10 -0.97 -8.65 -15.28
C LEU C 10 -0.95 -10.09 -15.78
N ASP C 11 -2.05 -10.58 -16.36
CA ASP C 11 -2.06 -12.00 -16.75
C ASP C 11 -0.98 -12.24 -17.76
N MET C 12 -0.74 -11.21 -18.57
CA MET C 12 0.32 -11.23 -19.57
C MET C 12 1.68 -11.69 -19.04
N PHE C 13 2.04 -11.25 -17.85
CA PHE C 13 3.31 -11.62 -17.24
C PHE C 13 3.34 -13.09 -16.88
N PHE C 14 2.16 -13.68 -16.69
CA PHE C 14 2.08 -15.06 -16.30
C PHE C 14 2.24 -16.00 -17.49
N ASP C 15 2.29 -15.44 -18.68
CA ASP C 15 2.32 -16.26 -19.89
C ASP C 15 3.73 -16.84 -20.09
N ASP C 16 3.80 -18.15 -20.30
CA ASP C 16 5.07 -18.86 -20.41
C ASP C 16 5.94 -18.23 -21.51
N ASP C 17 5.30 -17.93 -22.63
CA ASP C 17 6.01 -17.41 -23.79
C ASP C 17 6.28 -15.92 -23.74
N PHE C 18 5.87 -15.26 -22.66
CA PHE C 18 6.12 -13.82 -22.51
C PHE C 18 7.60 -13.50 -22.37
N VAL C 19 8.13 -12.70 -23.27
CA VAL C 19 9.52 -12.30 -23.16
C VAL C 19 9.66 -10.79 -23.02
N PRO C 20 10.23 -10.35 -21.89
CA PRO C 20 10.32 -8.92 -21.61
C PRO C 20 11.02 -8.11 -22.72
N GLN C 21 12.17 -8.58 -23.21
CA GLN C 21 12.84 -7.87 -24.28
C GLN C 21 11.90 -7.63 -25.46
N ALA C 22 11.03 -8.61 -25.74
CA ALA C 22 10.11 -8.54 -26.89
C ALA C 22 8.99 -7.53 -26.67
N PHE C 23 8.44 -7.55 -25.45
CA PHE C 23 7.30 -6.70 -25.12
C PHE C 23 7.69 -5.25 -25.23
N VAL C 24 8.84 -4.93 -24.66
CA VAL C 24 9.35 -3.57 -24.68
C VAL C 24 9.63 -3.10 -26.12
N ASP C 25 10.20 -4.00 -26.93
CA ASP C 25 10.58 -3.59 -28.26
C ASP C 25 9.38 -3.14 -29.08
N ILE C 26 8.31 -3.91 -28.97
CA ILE C 26 7.10 -3.69 -29.76
C ILE C 26 6.37 -2.44 -29.33
N LEU C 27 6.39 -2.21 -28.03
CA LEU C 27 5.71 -1.10 -27.40
C LEU C 27 6.32 0.20 -27.89
N LEU C 28 7.63 0.28 -27.72
CA LEU C 28 8.38 1.45 -28.14
C LEU C 28 8.22 1.73 -29.66
N SER C 29 8.00 0.71 -30.49
CA SER C 29 7.75 1.00 -31.92
C SER C 29 6.45 1.80 -32.13
N SER C 30 6.63 3.11 -32.05
CA SER C 30 5.65 4.15 -32.35
C SER C 30 6.55 5.38 -32.43
N PHE C 31 6.85 5.82 -33.66
CA PHE C 31 8.20 6.25 -34.01
C PHE C 31 8.81 7.51 -33.39
N GLN C 32 9.92 7.96 -33.98
CA GLN C 32 10.92 8.85 -33.34
C GLN C 32 10.76 10.37 -33.53
N THR C 33 11.89 11.03 -33.82
CA THR C 33 12.02 12.49 -34.07
C THR C 33 10.72 13.22 -34.35
N SER C 34 10.03 13.53 -33.25
CA SER C 34 8.77 14.28 -33.18
C SER C 34 8.04 13.82 -31.94
N GLN C 35 7.33 12.71 -32.12
CA GLN C 35 6.42 12.20 -31.10
C GLN C 35 7.12 11.39 -30.00
N LEU C 36 8.32 11.80 -29.61
CA LEU C 36 8.95 11.14 -28.45
C LEU C 36 8.42 11.72 -27.14
N GLU C 37 7.46 12.66 -27.21
CA GLU C 37 6.86 13.18 -25.99
C GLU C 37 5.65 12.34 -25.57
N GLU C 38 4.87 11.89 -26.55
CA GLU C 38 3.77 10.99 -26.26
C GLU C 38 4.31 9.68 -25.76
N LEU C 39 5.01 8.93 -26.61
CA LEU C 39 5.57 7.66 -26.18
C LEU C 39 6.65 7.97 -25.15
N LYS C 40 6.18 8.40 -23.97
CA LYS C 40 6.99 8.88 -22.85
C LYS C 40 6.08 9.20 -21.68
N THR C 41 4.93 9.83 -21.95
CA THR C 41 3.95 10.03 -20.89
C THR C 41 3.21 8.71 -20.77
N ASN C 42 3.26 7.96 -21.86
CA ASN C 42 2.63 6.66 -21.96
C ASN C 42 3.35 5.62 -21.16
N CYS C 43 4.66 5.59 -21.34
CA CYS C 43 5.50 4.65 -20.63
C CYS C 43 5.53 4.95 -19.14
N SER C 44 5.46 6.23 -18.80
CA SER C 44 5.37 6.63 -17.41
C SER C 44 4.16 5.97 -16.77
N SER C 45 3.00 6.10 -17.41
CA SER C 45 1.76 5.51 -16.89
C SER C 45 1.84 4.00 -16.83
N LEU C 46 2.23 3.40 -17.95
CA LEU C 46 2.42 1.98 -17.97
C LEU C 46 3.34 1.51 -16.84
N LEU C 47 4.45 2.21 -16.67
CA LEU C 47 5.39 1.90 -15.63
C LEU C 47 4.73 1.86 -14.23
N SER C 48 3.84 2.80 -13.96
CA SER C 48 3.26 2.89 -12.63
C SER C 48 2.41 1.68 -12.33
N LYS C 49 1.98 1.03 -13.40
CA LYS C 49 0.88 0.12 -13.32
C LYS C 49 1.66 -1.18 -13.05
N MET C 50 2.72 -1.36 -13.83
CA MET C 50 3.69 -2.42 -13.58
C MET C 50 4.27 -2.36 -12.16
N ASP C 51 4.55 -1.16 -11.70
CA ASP C 51 5.08 -1.03 -10.36
C ASP C 51 4.10 -1.60 -9.37
N TYR C 52 2.80 -1.32 -9.57
CA TYR C 52 1.79 -1.82 -8.65
C TYR C 52 1.79 -3.34 -8.60
N TYR C 53 1.74 -3.94 -9.78
CA TYR C 53 1.70 -5.39 -9.95
C TYR C 53 2.95 -6.02 -9.34
N SER C 54 4.08 -5.34 -9.52
CA SER C 54 5.32 -5.82 -8.98
C SER C 54 5.21 -6.10 -7.48
N GLY C 55 4.54 -5.18 -6.80
CA GLY C 55 4.38 -5.25 -5.36
C GLY C 55 3.33 -6.22 -4.93
N HIS C 56 2.33 -6.36 -5.80
CA HIS C 56 1.23 -7.29 -5.61
C HIS C 56 1.85 -8.65 -5.62
N ILE C 57 2.62 -8.92 -6.67
CA ILE C 57 3.21 -10.23 -6.83
C ILE C 57 4.12 -10.53 -5.63
N THR C 58 4.88 -9.54 -5.16
CA THR C 58 5.77 -9.77 -4.03
C THR C 58 4.93 -10.16 -2.82
N LYS C 59 3.84 -9.43 -2.57
CA LYS C 59 2.97 -9.78 -1.46
C LYS C 59 2.40 -11.20 -1.71
N GLU C 60 2.02 -11.52 -2.94
CA GLU C 60 1.50 -12.86 -3.19
C GLU C 60 2.57 -13.90 -2.94
N LEU C 61 3.80 -13.57 -3.33
CA LEU C 61 4.95 -14.43 -3.10
C LEU C 61 5.17 -14.69 -1.62
N GLU C 62 5.31 -13.61 -0.87
CA GLU C 62 5.50 -13.66 0.57
C GLU C 62 4.44 -14.58 1.19
N SER C 63 3.20 -14.36 0.78
CA SER C 63 2.06 -15.04 1.36
C SER C 63 2.09 -16.55 1.07
N THR C 64 2.46 -16.97 -0.15
CA THR C 64 2.44 -18.39 -0.48
C THR C 64 3.56 -19.14 0.25
N ILE C 65 4.74 -18.54 0.28
CA ILE C 65 5.88 -19.15 0.96
C ILE C 65 5.58 -19.46 2.43
N GLN C 66 4.80 -18.60 3.10
CA GLN C 66 4.39 -18.84 4.48
C GLN C 66 3.55 -20.10 4.64
N VAL C 67 2.78 -20.47 3.61
CA VAL C 67 1.93 -21.65 3.73
C VAL C 67 2.77 -22.92 3.63
N LEU C 68 3.93 -22.78 2.97
CA LEU C 68 4.92 -23.86 2.87
C LEU C 68 5.44 -24.26 4.25
N GLN C 69 5.37 -23.33 5.19
CA GLN C 69 5.57 -23.65 6.59
C GLN C 69 4.39 -24.52 7.05
N LYS C 70 4.54 -25.84 6.94
CA LYS C 70 3.43 -26.79 7.03
C LYS C 70 2.54 -26.62 8.26
N PRO C 71 1.36 -25.98 8.07
CA PRO C 71 0.43 -25.71 9.17
C PRO C 71 -0.47 -26.90 9.49
N GLN D 8 0.54 -32.97 -2.87
CA GLN D 8 -0.38 -32.25 -3.73
C GLN D 8 -1.20 -31.27 -2.90
N ASP D 9 -1.29 -31.54 -1.61
CA ASP D 9 -1.85 -30.59 -0.66
C ASP D 9 -0.66 -29.75 -0.26
N ILE D 10 0.51 -30.27 -0.66
CA ILE D 10 1.84 -29.72 -0.41
C ILE D 10 2.61 -29.40 -1.70
N LEU D 11 2.21 -30.00 -2.81
CA LEU D 11 2.84 -29.73 -4.10
C LEU D 11 2.38 -28.46 -4.82
N GLU D 12 1.07 -28.26 -4.90
CA GLU D 12 0.51 -27.09 -5.56
C GLU D 12 1.05 -25.76 -5.02
N PRO D 13 1.15 -25.60 -3.68
CA PRO D 13 1.69 -24.32 -3.21
C PRO D 13 3.15 -24.10 -3.61
N PHE D 14 3.98 -25.13 -3.50
CA PHE D 14 5.36 -25.00 -3.90
C PHE D 14 5.47 -24.65 -5.40
N GLU D 15 4.65 -25.30 -6.23
CA GLU D 15 4.63 -25.02 -7.66
C GLU D 15 4.30 -23.57 -7.93
N ARG D 16 3.28 -23.07 -7.24
CA ARG D 16 2.80 -21.72 -7.41
C ARG D 16 3.86 -20.70 -6.98
N ALA D 17 4.64 -21.01 -5.94
CA ALA D 17 5.65 -20.08 -5.47
C ALA D 17 6.72 -19.87 -6.53
N LEU D 18 7.13 -20.97 -7.15
CA LEU D 18 8.10 -20.92 -8.21
C LEU D 18 7.54 -20.10 -9.37
N LYS D 19 6.27 -20.29 -9.66
CA LYS D 19 5.67 -19.60 -10.79
C LYS D 19 5.74 -18.11 -10.51
N LEU D 20 5.36 -17.75 -9.29
CA LEU D 20 5.35 -16.37 -8.86
C LEU D 20 6.73 -15.71 -8.99
N GLN D 21 7.79 -16.42 -8.62
CA GLN D 21 9.17 -15.90 -8.80
C GLN D 21 9.45 -15.51 -10.23
N THR D 22 8.91 -16.27 -11.17
CA THR D 22 9.14 -16.02 -12.58
C THR D 22 8.49 -14.72 -13.01
N VAL D 23 7.24 -14.54 -12.63
CA VAL D 23 6.50 -13.32 -12.90
C VAL D 23 7.21 -12.11 -12.23
N SER D 24 7.75 -12.32 -11.04
CA SER D 24 8.44 -11.23 -10.38
C SER D 24 9.59 -10.77 -11.26
N SER D 25 10.41 -11.72 -11.68
CA SER D 25 11.53 -11.41 -12.52
C SER D 25 11.14 -10.78 -13.86
N LYS D 26 10.10 -11.30 -14.51
CA LYS D 26 9.68 -10.73 -15.78
C LYS D 26 9.25 -9.28 -15.57
N ILE D 27 8.56 -9.00 -14.46
CA ILE D 27 8.14 -7.63 -14.23
C ILE D 27 9.35 -6.75 -13.99
N HIS D 28 10.32 -7.22 -13.20
CA HIS D 28 11.51 -6.40 -12.93
C HIS D 28 12.28 -6.07 -14.21
N GLN D 29 12.35 -7.03 -15.12
CA GLN D 29 13.09 -6.83 -16.34
C GLN D 29 12.38 -5.88 -17.28
N THR D 30 11.07 -6.03 -17.37
CA THR D 30 10.26 -5.18 -18.22
C THR D 30 10.35 -3.75 -17.76
N THR D 31 10.30 -3.61 -16.46
CA THR D 31 10.38 -2.32 -15.83
C THR D 31 11.75 -1.72 -16.02
N THR D 32 12.79 -2.53 -15.85
CA THR D 32 14.14 -2.03 -15.95
C THR D 32 14.43 -1.53 -17.33
N LEU D 33 14.18 -2.38 -18.32
CA LEU D 33 14.41 -2.02 -19.72
C LEU D 33 13.61 -0.77 -20.11
N LEU D 34 12.33 -0.73 -19.75
CA LEU D 34 11.49 0.43 -20.04
C LEU D 34 12.05 1.70 -19.42
N ARG D 35 12.56 1.62 -18.20
CA ARG D 35 13.11 2.82 -17.59
C ARG D 35 14.44 3.20 -18.24
N SER D 36 15.26 2.20 -18.55
CA SER D 36 16.51 2.44 -19.27
C SER D 36 16.27 3.25 -20.54
N SER D 37 15.26 2.83 -21.30
CA SER D 37 14.83 3.53 -22.51
C SER D 37 14.32 4.92 -22.20
N LEU D 38 13.55 4.99 -21.12
CA LEU D 38 12.93 6.22 -20.72
C LEU D 38 14.03 7.27 -20.48
N ILE D 39 15.02 6.91 -19.66
CA ILE D 39 16.17 7.76 -19.40
C ILE D 39 16.91 8.22 -20.66
N TYR D 40 17.14 7.28 -21.59
CA TYR D 40 17.82 7.54 -22.85
C TYR D 40 17.13 8.66 -23.60
N VAL D 41 15.83 8.45 -23.84
CA VAL D 41 14.97 9.42 -24.50
C VAL D 41 15.03 10.81 -23.86
N HIS D 42 14.92 10.87 -22.54
CA HIS D 42 14.97 12.15 -21.88
C HIS D 42 16.25 12.91 -22.19
N MET D 43 17.33 12.14 -22.36
CA MET D 43 18.62 12.72 -22.65
C MET D 43 18.72 13.16 -24.08
N ILE D 44 18.18 12.32 -24.96
CA ILE D 44 18.03 12.66 -26.37
C ILE D 44 17.18 13.93 -26.51
N SER D 45 16.13 14.04 -25.71
CA SER D 45 15.35 15.27 -25.63
C SER D 45 16.24 16.43 -25.21
N GLN D 46 17.03 16.22 -24.17
CA GLN D 46 17.95 17.23 -23.65
C GLN D 46 19.01 17.58 -24.68
N LEU D 47 19.30 16.63 -25.57
CA LEU D 47 20.23 16.87 -26.65
C LEU D 47 19.58 17.78 -27.67
N GLN D 48 18.44 17.36 -28.22
CA GLN D 48 17.77 18.16 -29.26
C GLN D 48 17.20 19.47 -28.73
N MET D 49 17.37 19.73 -27.43
CA MET D 49 16.99 21.01 -26.85
C MET D 49 18.25 21.87 -26.68
N MET D 50 19.38 21.32 -27.13
CA MET D 50 20.67 22.02 -27.14
C MET D 50 21.10 22.23 -28.59
N PRO D 51 20.86 23.44 -29.10
CA PRO D 51 21.21 23.79 -30.48
C PRO D 51 22.68 24.20 -30.64
N LEU D 52 23.11 24.39 -31.87
CA LEU D 52 24.44 24.88 -32.17
C LEU D 52 24.33 26.16 -32.99
N GLU D 53 25.35 26.45 -33.80
CA GLU D 53 25.28 27.50 -34.81
C GLU D 53 26.28 27.20 -35.92
N THR D 54 26.12 27.83 -37.08
CA THR D 54 27.03 27.58 -38.18
C THR D 54 28.16 28.58 -38.01
N ASP D 55 27.82 29.86 -38.16
CA ASP D 55 28.76 30.93 -37.86
C ASP D 55 28.96 31.06 -36.36
N SER D 56 29.03 32.32 -35.92
CA SER D 56 29.34 32.72 -34.55
C SER D 56 30.08 31.66 -33.74
N THR D 57 31.40 31.61 -33.93
CA THR D 57 32.24 30.66 -33.21
C THR D 57 32.79 31.41 -32.00
N ASP D 58 31.91 32.19 -31.39
CA ASP D 58 32.27 33.17 -30.37
C ASP D 58 31.84 32.86 -28.95
N ASP D 59 32.41 31.83 -28.33
CA ASP D 59 32.09 31.49 -26.94
C ASP D 59 30.60 31.15 -26.80
N ALA D 60 29.73 32.06 -27.19
CA ALA D 60 28.37 31.69 -27.54
C ALA D 60 28.50 30.59 -28.58
N ALA D 61 27.74 29.52 -28.42
CA ALA D 61 27.73 28.39 -29.34
C ALA D 61 29.04 27.59 -29.31
N LEU D 62 30.14 28.22 -28.86
CA LEU D 62 31.40 27.48 -28.69
C LEU D 62 31.43 26.78 -27.33
N ALA D 63 31.11 27.52 -26.28
CA ALA D 63 30.95 26.94 -24.95
C ALA D 63 29.85 25.90 -25.01
N CYS D 64 28.87 26.16 -25.88
CA CYS D 64 27.77 25.24 -26.11
C CYS D 64 28.27 23.95 -26.76
N GLY D 65 29.24 24.08 -27.67
CA GLY D 65 29.78 22.94 -28.39
C GLY D 65 30.37 21.98 -27.39
N LEU D 66 30.90 22.55 -26.32
CA LEU D 66 31.47 21.75 -25.25
C LEU D 66 30.39 20.94 -24.52
N LYS D 67 29.22 21.54 -24.26
CA LYS D 67 28.15 20.83 -23.54
C LYS D 67 27.60 19.68 -24.37
N ILE D 68 27.36 19.96 -25.65
CA ILE D 68 26.85 18.96 -26.57
C ILE D 68 27.80 17.74 -26.66
N ALA D 69 29.10 18.02 -26.72
CA ALA D 69 30.08 16.97 -26.79
C ALA D 69 30.03 16.14 -25.52
N ALA D 70 29.96 16.84 -24.40
CA ALA D 70 29.91 16.16 -23.12
C ALA D 70 28.72 15.21 -23.03
N LEU D 71 27.56 15.70 -23.48
CA LEU D 71 26.32 14.93 -23.52
C LEU D 71 26.41 13.69 -24.39
N HIS D 72 27.05 13.82 -25.55
CA HIS D 72 27.30 12.68 -26.43
C HIS D 72 28.20 11.67 -25.77
N SER D 73 29.06 12.15 -24.87
CA SER D 73 29.95 11.27 -24.13
C SER D 73 29.10 10.39 -23.24
N GLN D 74 28.14 11.01 -22.56
CA GLN D 74 27.24 10.28 -21.65
C GLN D 74 26.47 9.23 -22.41
N LEU D 75 25.90 9.68 -23.53
CA LEU D 75 25.11 8.84 -24.43
C LEU D 75 25.82 7.56 -24.89
N LYS D 76 27.04 7.69 -25.44
CA LYS D 76 27.78 6.51 -25.92
C LYS D 76 27.97 5.57 -24.76
N ILE D 77 28.25 6.18 -23.61
CA ILE D 77 28.52 5.44 -22.41
C ILE D 77 27.25 4.79 -21.86
N ASN D 78 26.19 5.58 -21.68
CA ASN D 78 24.90 5.09 -21.16
C ASN D 78 24.46 3.79 -21.79
N ILE D 79 24.81 3.61 -23.07
CA ILE D 79 24.48 2.42 -23.81
C ILE D 79 25.09 1.17 -23.18
N ALA D 80 26.19 1.33 -22.45
CA ALA D 80 26.90 0.18 -21.91
C ALA D 80 26.22 -0.29 -20.62
N ALA D 81 25.50 0.62 -19.98
CA ALA D 81 24.74 0.33 -18.76
C ALA D 81 23.68 -0.75 -18.97
N ASN D 82 22.90 -0.60 -20.04
CA ASN D 82 22.12 -1.70 -20.62
C ASN D 82 22.47 -1.94 -22.09
N PRO D 83 23.35 -2.92 -22.36
CA PRO D 83 23.56 -3.32 -23.75
C PRO D 83 22.25 -3.80 -24.38
N ASN D 84 21.36 -4.40 -23.57
CA ASN D 84 20.02 -4.76 -24.02
C ASN D 84 19.28 -3.56 -24.58
N LEU D 85 19.66 -2.37 -24.13
CA LEU D 85 19.02 -1.17 -24.61
C LEU D 85 19.22 -1.10 -26.11
N ALA D 86 20.42 -1.47 -26.54
CA ALA D 86 20.87 -1.23 -27.91
C ALA D 86 20.16 -2.06 -28.95
N THR D 87 19.82 -3.31 -28.61
CA THR D 87 19.26 -4.24 -29.59
C THR D 87 17.76 -4.02 -29.73
N LEU D 88 17.34 -2.78 -29.60
CA LEU D 88 15.93 -2.41 -29.74
C LEU D 88 15.64 -1.52 -30.92
N GLN D 89 14.71 -1.94 -31.76
CA GLN D 89 14.24 -1.05 -32.79
C GLN D 89 13.76 0.15 -31.98
N LEU D 90 13.90 1.34 -32.54
CA LEU D 90 13.46 2.62 -31.96
C LEU D 90 14.53 3.29 -31.11
N ILE D 91 15.42 2.52 -30.49
CA ILE D 91 16.55 3.22 -29.89
C ILE D 91 17.58 3.23 -31.00
N LYS D 92 17.55 2.18 -31.83
CA LYS D 92 18.36 2.11 -33.06
C LYS D 92 17.93 3.27 -33.91
N SER D 93 16.62 3.43 -34.00
CA SER D 93 15.99 4.48 -34.80
C SER D 93 16.30 5.87 -34.25
N CYS D 94 16.77 5.94 -33.02
CA CYS D 94 17.10 7.22 -32.41
C CYS D 94 18.56 7.54 -32.62
N GLU D 95 19.35 6.49 -32.51
CA GLU D 95 20.78 6.63 -32.62
C GLU D 95 21.06 7.09 -34.04
N ASN D 96 20.16 6.74 -34.97
CA ASN D 96 20.34 7.05 -36.39
C ASN D 96 19.56 8.25 -36.93
N ASN D 97 18.56 8.73 -36.21
CA ASN D 97 17.80 9.88 -36.68
C ASN D 97 18.11 11.20 -35.98
N VAL D 98 18.63 11.12 -34.76
CA VAL D 98 18.89 12.36 -34.02
C VAL D 98 20.33 12.51 -33.58
N VAL D 99 20.89 11.48 -32.96
CA VAL D 99 22.18 11.68 -32.34
C VAL D 99 23.37 11.47 -33.30
N SER D 100 23.36 10.39 -34.09
CA SER D 100 24.47 10.18 -35.02
C SER D 100 24.60 11.31 -36.06
N PRO D 101 23.48 11.95 -36.47
CA PRO D 101 23.65 13.20 -37.23
C PRO D 101 24.12 14.39 -36.39
N ASN D 102 23.48 14.67 -35.27
CA ASN D 102 23.93 15.70 -34.35
C ASN D 102 25.42 15.51 -34.07
N ARG D 103 25.83 14.24 -33.96
CA ARG D 103 27.22 13.89 -33.70
C ARG D 103 28.19 14.25 -34.80
N GLN D 104 27.99 13.66 -35.97
CA GLN D 104 28.89 13.90 -37.09
C GLN D 104 28.82 15.37 -37.50
N GLU D 105 27.65 15.99 -37.34
CA GLU D 105 27.57 17.44 -37.52
C GLU D 105 28.44 18.22 -36.53
N LEU D 106 28.46 17.77 -35.28
CA LEU D 106 29.28 18.40 -34.25
C LEU D 106 30.72 18.17 -34.58
N LEU D 107 31.00 16.93 -34.98
CA LEU D 107 32.34 16.47 -35.33
C LEU D 107 32.91 17.35 -36.43
N ARG D 108 32.10 17.63 -37.44
CA ARG D 108 32.46 18.52 -38.55
C ARG D 108 32.78 19.94 -38.05
N TYR D 109 31.89 20.52 -37.25
CA TYR D 109 32.08 21.85 -36.70
C TYR D 109 33.38 21.97 -35.95
N LEU D 110 33.68 20.96 -35.14
CA LEU D 110 34.84 21.02 -34.26
C LEU D 110 36.13 20.84 -35.05
N SER D 111 36.19 19.78 -35.86
CA SER D 111 37.42 19.47 -36.57
C SER D 111 37.75 20.52 -37.66
N THR D 112 36.76 21.01 -38.39
CA THR D 112 37.05 22.02 -39.40
C THR D 112 37.33 23.38 -38.79
N ASN D 113 36.68 23.70 -37.68
CA ASN D 113 36.97 24.97 -37.03
C ASN D 113 38.32 24.96 -36.32
N LEU D 114 38.71 23.80 -35.81
CA LEU D 114 40.00 23.68 -35.15
C LEU D 114 41.14 23.77 -36.15
N THR D 115 41.00 23.05 -37.26
CA THR D 115 41.98 23.07 -38.34
C THR D 115 42.13 24.46 -38.95
N ARG D 116 41.00 25.14 -39.18
CA ARG D 116 41.05 26.48 -39.74
C ARG D 116 41.87 27.39 -38.83
N ASP D 117 41.66 27.27 -37.52
CA ASP D 117 42.33 28.17 -36.59
C ASP D 117 43.80 27.83 -36.39
N CYS D 118 44.20 26.63 -36.77
CA CYS D 118 45.57 26.21 -36.47
C CYS D 118 46.47 26.59 -37.60
N LEU D 119 45.92 26.58 -38.81
CA LEU D 119 46.71 26.88 -39.99
C LEU D 119 46.83 28.39 -40.19
N ASN D 120 46.04 29.13 -39.45
CA ASN D 120 46.19 30.58 -39.41
C ASN D 120 47.17 30.96 -38.31
N ASN D 121 48.45 31.01 -38.65
CA ASN D 121 49.55 31.32 -37.72
C ASN D 121 49.25 32.45 -36.74
N LEU D 122 48.45 33.42 -37.18
CA LEU D 122 48.00 34.53 -36.34
C LEU D 122 46.96 34.15 -35.29
N LYS D 123 45.83 33.60 -35.74
CA LYS D 123 44.77 33.18 -34.83
C LYS D 123 45.36 32.27 -33.76
N MET D 124 46.36 31.51 -34.18
CA MET D 124 47.17 30.68 -33.31
C MET D 124 47.75 31.42 -32.11
N GLU D 125 48.27 32.63 -32.32
CA GLU D 125 48.89 33.36 -31.22
C GLU D 125 47.94 34.26 -30.46
N ASN D 126 47.00 34.88 -31.18
CA ASN D 126 46.20 35.92 -30.58
C ASN D 126 45.15 35.38 -29.64
N ASN D 127 44.42 34.37 -30.11
CA ASN D 127 43.40 33.73 -29.29
C ASN D 127 43.66 32.25 -29.12
N PRO D 128 44.63 31.91 -28.25
CA PRO D 128 45.00 30.53 -27.94
C PRO D 128 43.94 29.83 -27.08
N LYS D 129 43.24 30.59 -26.26
CA LYS D 129 42.23 30.02 -25.35
C LYS D 129 41.08 29.36 -26.13
N ARG D 130 40.78 29.90 -27.30
CA ARG D 130 39.76 29.36 -28.18
C ARG D 130 40.17 27.96 -28.65
N ILE D 131 41.42 27.82 -29.08
CA ILE D 131 41.96 26.57 -29.58
C ILE D 131 42.00 25.55 -28.47
N VAL D 132 42.40 25.96 -27.27
CA VAL D 132 42.36 25.06 -26.11
C VAL D 132 40.94 24.53 -25.89
N THR D 133 39.95 25.41 -26.02
CA THR D 133 38.58 24.97 -25.85
C THR D 133 38.17 24.02 -26.97
N LEU D 134 38.56 24.32 -28.21
CA LEU D 134 38.30 23.43 -29.37
C LEU D 134 38.92 22.05 -29.15
N ILE D 135 40.16 22.04 -28.69
CA ILE D 135 40.85 20.78 -28.42
C ILE D 135 40.09 19.96 -27.39
N LYS D 136 39.77 20.60 -26.26
CA LYS D 136 39.10 19.90 -25.18
C LYS D 136 37.77 19.28 -25.64
N ALA D 137 36.96 20.07 -26.34
CA ALA D 137 35.66 19.62 -26.83
C ALA D 137 35.81 18.42 -27.74
N LEU D 138 36.68 18.58 -28.74
CA LEU D 138 36.91 17.53 -29.73
C LEU D 138 37.46 16.26 -29.08
N TYR D 139 38.37 16.40 -28.11
CA TYR D 139 38.90 15.23 -27.40
C TYR D 139 37.78 14.49 -26.70
N THR D 140 36.89 15.26 -26.07
CA THR D 140 35.75 14.73 -25.34
C THR D 140 34.84 13.92 -26.24
N LEU D 141 34.57 14.46 -27.42
CA LEU D 141 33.72 13.81 -28.41
C LEU D 141 34.33 12.49 -28.90
N SER D 142 35.60 12.55 -29.27
CA SER D 142 36.27 11.42 -29.90
C SER D 142 37.76 11.66 -30.02
N PRO D 143 38.55 11.25 -29.00
CA PRO D 143 39.99 11.53 -28.98
C PRO D 143 40.65 11.10 -30.28
N VAL D 144 40.21 9.99 -30.85
CA VAL D 144 40.78 9.53 -32.10
C VAL D 144 40.48 10.55 -33.21
N ASP D 145 39.34 11.23 -33.12
CA ASP D 145 39.02 12.25 -34.12
C ASP D 145 39.84 13.51 -33.88
N LEU D 146 40.15 13.83 -32.62
CA LEU D 146 41.05 14.96 -32.35
C LEU D 146 42.44 14.72 -32.95
N PHE D 147 42.88 13.47 -32.87
CA PHE D 147 44.19 13.13 -33.40
C PHE D 147 44.22 13.08 -34.94
N ASP D 148 43.18 12.55 -35.60
CA ASP D 148 43.11 12.57 -37.08
C ASP D 148 43.07 14.00 -37.58
N THR D 149 42.81 14.93 -36.67
CA THR D 149 42.75 16.35 -37.00
C THR D 149 44.11 17.01 -36.81
N ILE D 150 44.76 16.70 -35.68
CA ILE D 150 46.09 17.19 -35.41
C ILE D 150 47.03 16.63 -36.46
N ASP D 151 46.83 15.35 -36.77
CA ASP D 151 47.52 14.73 -37.88
C ASP D 151 47.43 15.63 -39.11
N LYS D 152 46.21 15.93 -39.54
CA LYS D 152 45.96 16.65 -40.78
C LYS D 152 46.56 18.05 -40.74
N VAL D 153 46.50 18.71 -39.58
CA VAL D 153 47.09 20.03 -39.42
C VAL D 153 48.60 19.97 -39.60
N LEU D 154 49.24 19.06 -38.88
CA LEU D 154 50.67 18.86 -38.95
C LEU D 154 51.14 18.48 -40.36
N SER D 155 50.45 17.52 -40.96
CA SER D 155 50.77 17.07 -42.31
C SER D 155 50.70 18.25 -43.31
N SER D 156 49.86 19.22 -43.00
CA SER D 156 49.66 20.36 -43.86
C SER D 156 50.76 21.40 -43.73
N LYS D 157 51.18 21.63 -42.51
CA LYS D 157 52.23 22.61 -42.24
C LYS D 157 53.54 22.11 -42.86
N ILE D 158 53.79 20.82 -42.69
CA ILE D 158 54.95 20.16 -43.27
C ILE D 158 55.00 20.35 -44.80
N GLN D 159 53.90 20.07 -45.48
CA GLN D 159 53.87 20.16 -46.93
C GLN D 159 54.13 21.57 -47.42
N THR D 160 53.45 22.53 -46.81
CA THR D 160 53.57 23.92 -47.23
C THR D 160 54.99 24.46 -47.05
N THR D 161 55.58 24.15 -45.91
CA THR D 161 56.91 24.63 -45.62
C THR D 161 57.90 23.97 -46.59
N ALA D 162 57.71 22.67 -46.79
CA ALA D 162 58.53 21.90 -47.70
C ALA D 162 58.53 22.45 -49.14
N GLN D 163 57.36 22.86 -49.63
CA GLN D 163 57.28 23.47 -50.97
C GLN D 163 58.01 24.81 -51.01
N VAL D 164 57.86 25.59 -49.95
CA VAL D 164 58.43 26.91 -49.97
C VAL D 164 59.96 26.81 -49.96
N LEU D 165 60.50 25.82 -49.25
CA LEU D 165 61.93 25.60 -49.27
C LEU D 165 62.34 25.12 -50.65
N SER D 166 61.64 24.12 -51.17
CA SER D 166 62.05 23.64 -52.48
C SER D 166 61.91 24.67 -53.60
N LYS D 167 60.91 25.54 -53.55
CA LYS D 167 60.73 26.55 -54.62
C LYS D 167 61.91 27.48 -54.69
N THR D 168 62.69 27.58 -53.61
CA THR D 168 63.86 28.47 -53.67
C THR D 168 65.09 27.86 -54.31
N ILE D 169 65.05 26.58 -54.62
CA ILE D 169 66.21 25.94 -55.24
C ILE D 169 66.55 26.59 -56.59
N THR D 170 65.52 26.94 -57.36
CA THR D 170 65.74 27.64 -58.62
C THR D 170 65.83 29.15 -58.46
N SER D 171 66.00 29.61 -57.23
CA SER D 171 66.26 31.03 -56.98
C SER D 171 66.72 31.26 -55.56
N ILE D 172 67.89 30.72 -55.17
CA ILE D 172 68.28 30.70 -53.76
C ILE D 172 68.55 32.03 -53.12
N ARG D 173 68.58 33.10 -53.90
CA ARG D 173 68.74 34.41 -53.28
C ARG D 173 67.55 34.63 -52.34
N ASN D 174 66.47 33.90 -52.58
CA ASN D 174 65.26 33.95 -51.77
C ASN D 174 65.27 33.03 -50.55
N PHE D 175 66.41 32.39 -50.28
CA PHE D 175 66.43 31.40 -49.22
C PHE D 175 66.05 31.99 -47.86
N ASN D 176 66.51 33.18 -47.54
CA ASN D 176 66.21 33.75 -46.23
C ASN D 176 64.72 33.90 -46.01
N LEU D 177 64.01 34.29 -47.07
CA LEU D 177 62.57 34.51 -46.99
C LEU D 177 61.86 33.19 -46.73
N SER D 178 62.29 32.14 -47.44
CA SER D 178 61.76 30.81 -47.25
C SER D 178 61.98 30.30 -45.84
N LEU D 179 63.20 30.48 -45.36
CA LEU D 179 63.56 30.05 -44.03
C LEU D 179 62.75 30.79 -42.98
N ASP D 180 62.34 32.02 -43.29
CA ASP D 180 61.52 32.82 -42.38
C ASP D 180 60.11 32.26 -42.29
N ASP D 181 59.52 31.97 -43.45
CA ASP D 181 58.21 31.33 -43.45
C ASP D 181 58.26 29.99 -42.71
N ALA D 182 59.36 29.27 -42.83
CA ALA D 182 59.48 27.98 -42.16
C ALA D 182 59.51 28.16 -40.66
N MET D 183 60.23 29.16 -40.19
CA MET D 183 60.25 29.39 -38.75
C MET D 183 58.88 29.85 -38.27
N GLU D 184 58.16 30.57 -39.13
CA GLU D 184 56.80 31.00 -38.84
C GLU D 184 55.97 29.76 -38.49
N ASN D 185 56.06 28.73 -39.32
CA ASN D 185 55.32 27.52 -39.08
C ASN D 185 55.85 26.77 -37.88
N ARG D 186 57.18 26.61 -37.80
CA ARG D 186 57.78 26.00 -36.63
C ARG D 186 57.26 26.67 -35.37
N ASN D 187 57.15 27.99 -35.40
CA ASN D 187 56.64 28.69 -34.23
C ASN D 187 55.19 28.32 -33.90
N SER D 188 54.33 28.25 -34.92
CA SER D 188 52.92 27.90 -34.71
C SER D 188 52.78 26.48 -34.16
N ILE D 189 53.70 25.61 -34.55
CA ILE D 189 53.66 24.24 -34.09
C ILE D 189 54.11 24.16 -32.63
N LEU D 190 55.07 24.99 -32.26
CA LEU D 190 55.52 25.05 -30.88
C LEU D 190 54.35 25.55 -30.01
N THR D 191 53.63 26.56 -30.44
CA THR D 191 52.60 27.01 -29.52
C THR D 191 51.41 26.03 -29.62
N LEU D 192 51.36 25.23 -30.68
CA LEU D 192 50.33 24.20 -30.74
C LEU D 192 50.69 23.10 -29.79
N GLN D 193 51.97 22.76 -29.65
CA GLN D 193 52.20 21.63 -28.76
C GLN D 193 52.12 22.14 -27.34
N ASN D 194 52.14 23.45 -27.18
CA ASN D 194 52.04 24.01 -25.85
C ASN D 194 50.57 23.98 -25.44
N LEU D 195 49.72 24.51 -26.31
CA LEU D 195 48.28 24.39 -26.14
C LEU D 195 47.80 22.96 -25.94
N MET D 196 48.50 22.00 -26.52
CA MET D 196 48.12 20.61 -26.30
C MET D 196 48.52 20.13 -24.89
N ALA D 197 49.71 20.46 -24.43
CA ALA D 197 50.14 20.04 -23.11
C ALA D 197 49.25 20.69 -22.03
N ALA D 198 48.65 21.82 -22.36
CA ALA D 198 47.82 22.57 -21.44
C ALA D 198 46.46 21.92 -21.18
N CYS D 199 46.05 21.05 -22.10
CA CYS D 199 44.79 20.32 -21.93
C CYS D 199 45.06 18.99 -21.24
N ALA D 200 44.77 18.90 -19.93
CA ALA D 200 45.15 17.74 -19.15
C ALA D 200 44.11 16.67 -19.37
N ILE D 201 44.48 15.41 -19.20
CA ILE D 201 43.52 14.30 -19.28
C ILE D 201 43.72 13.30 -18.18
N GLU D 202 42.87 12.26 -18.21
CA GLU D 202 42.90 11.11 -17.31
C GLU D 202 44.34 10.58 -17.14
N GLY D 203 44.69 10.21 -15.92
CA GLY D 203 45.97 9.57 -15.63
C GLY D 203 47.25 10.39 -15.67
N ASN D 204 47.16 11.64 -15.25
CA ASN D 204 48.29 12.55 -15.11
C ASN D 204 49.12 12.78 -16.36
N THR D 205 48.47 12.79 -17.50
CA THR D 205 49.11 13.23 -18.75
C THR D 205 48.25 14.30 -19.37
N ASN D 206 48.41 14.49 -20.67
CA ASN D 206 47.67 15.48 -21.38
C ASN D 206 47.56 15.11 -22.86
N THR D 207 46.90 15.94 -23.66
CA THR D 207 46.66 15.55 -25.04
C THR D 207 47.96 15.51 -25.84
N LEU D 208 48.95 16.30 -25.44
CA LEU D 208 50.22 16.26 -26.16
C LEU D 208 50.93 14.93 -25.94
N ARG D 209 51.14 14.66 -24.65
CA ARG D 209 51.89 13.51 -24.22
C ARG D 209 51.27 12.26 -24.84
N ASN D 210 49.93 12.25 -24.85
CA ASN D 210 49.13 11.14 -25.35
C ASN D 210 49.16 10.93 -26.83
N TYR D 211 49.13 12.03 -27.56
CA TYR D 211 49.23 11.99 -29.02
C TYR D 211 50.60 11.41 -29.40
N LEU D 212 51.66 11.97 -28.83
CA LEU D 212 53.02 11.50 -29.08
C LEU D 212 53.25 10.02 -28.71
N SER D 213 52.44 9.48 -27.79
CA SER D 213 52.60 8.06 -27.48
C SER D 213 52.03 7.22 -28.62
N GLN D 214 50.91 7.65 -29.20
CA GLN D 214 50.28 6.87 -30.27
C GLN D 214 50.81 7.18 -31.68
N ARG D 215 51.89 7.93 -31.77
CA ARG D 215 52.49 8.24 -33.06
C ARG D 215 53.99 7.97 -32.98
N LYS D 216 54.63 7.90 -34.14
CA LYS D 216 56.07 7.67 -34.17
C LYS D 216 56.83 8.73 -33.36
N PHE D 217 56.41 9.98 -33.52
CA PHE D 217 57.17 11.17 -33.15
C PHE D 217 57.47 11.31 -31.67
N SER D 218 58.46 12.17 -31.38
CA SER D 218 58.93 12.51 -30.05
C SER D 218 58.44 13.89 -29.67
N SER D 219 58.49 14.81 -30.63
CA SER D 219 57.85 16.12 -30.48
C SER D 219 57.19 16.44 -31.80
N LEU D 220 56.25 17.38 -31.80
CA LEU D 220 55.67 17.82 -33.07
C LEU D 220 56.71 18.57 -33.88
N ILE D 221 57.50 19.38 -33.18
CA ILE D 221 58.59 20.13 -33.77
C ILE D 221 59.54 19.18 -34.52
N ASP D 222 59.93 18.09 -33.86
CA ASP D 222 60.86 17.16 -34.49
C ASP D 222 60.30 16.55 -35.77
N GLN D 223 59.03 16.16 -35.80
CA GLN D 223 58.54 15.53 -37.02
C GLN D 223 58.37 16.56 -38.13
N PHE D 224 58.04 17.79 -37.75
CA PHE D 224 57.95 18.87 -38.72
C PHE D 224 59.32 19.07 -39.36
N TRP D 225 60.34 19.39 -38.57
CA TRP D 225 61.66 19.57 -39.16
C TRP D 225 62.13 18.31 -39.89
N SER D 226 62.07 17.16 -39.24
CA SER D 226 62.52 15.95 -39.92
C SER D 226 61.87 15.76 -41.29
N LYS D 227 60.54 15.84 -41.38
CA LYS D 227 59.87 15.62 -42.65
C LYS D 227 60.16 16.70 -43.71
N VAL D 228 60.13 17.99 -43.34
CA VAL D 228 60.37 19.03 -44.36
C VAL D 228 61.82 19.06 -44.75
N THR D 229 62.69 18.73 -43.80
CA THR D 229 64.12 18.69 -44.05
C THR D 229 64.53 17.60 -45.04
N ASN D 230 63.87 16.45 -44.96
CA ASN D 230 64.19 15.36 -45.85
C ASN D 230 63.77 15.71 -47.27
N SER D 231 62.53 16.15 -47.46
CA SER D 231 62.10 16.34 -48.86
C SER D 231 62.72 17.57 -49.49
N PHE D 232 63.51 18.30 -48.73
CA PHE D 232 64.21 19.46 -49.25
C PHE D 232 65.68 19.11 -49.47
N LYS D 233 66.25 18.34 -48.56
CA LYS D 233 67.55 17.77 -48.81
C LYS D 233 67.55 16.95 -50.12
N ARG D 234 66.52 16.12 -50.36
CA ARG D 234 66.47 15.29 -51.57
C ARG D 234 66.46 16.17 -52.82
N ASP D 235 65.67 17.23 -52.78
CA ASP D 235 65.53 18.15 -53.91
C ASP D 235 66.80 18.95 -54.14
N PHE D 236 67.33 19.48 -53.04
CA PHE D 236 68.56 20.28 -53.03
C PHE D 236 69.69 19.48 -53.65
N GLU D 237 69.89 18.26 -53.16
CA GLU D 237 71.02 17.49 -53.60
C GLU D 237 70.87 17.03 -55.06
N MET D 238 69.64 16.69 -55.50
CA MET D 238 69.44 16.31 -56.90
C MET D 238 69.89 17.44 -57.83
N SER D 239 69.63 18.66 -57.39
CA SER D 239 69.92 19.81 -58.20
C SER D 239 71.40 20.15 -58.17
N TYR D 240 71.98 20.03 -56.99
CA TYR D 240 73.38 20.32 -56.81
C TYR D 240 74.22 19.37 -57.67
N ASN D 241 73.78 18.11 -57.71
CA ASN D 241 74.54 17.07 -58.37
C ASN D 241 74.60 17.20 -59.88
N ARG D 242 73.51 17.60 -60.54
CA ARG D 242 73.66 18.00 -61.93
C ARG D 242 74.39 19.33 -61.89
N GLY D 243 75.55 19.38 -62.52
CA GLY D 243 76.44 20.52 -62.38
C GLY D 243 76.00 21.78 -63.07
N GLY D 244 74.72 21.82 -63.43
CA GLY D 244 74.16 22.89 -64.21
C GLY D 244 74.15 24.21 -63.47
N PRO D 245 73.76 25.28 -64.17
CA PRO D 245 73.64 26.64 -63.66
C PRO D 245 72.93 26.76 -62.32
N VAL D 246 71.82 26.05 -62.13
CA VAL D 246 71.11 26.10 -60.86
C VAL D 246 71.97 25.54 -59.73
N GLY D 247 72.61 24.40 -59.99
CA GLY D 247 73.47 23.81 -59.01
C GLY D 247 74.64 24.71 -58.69
N LYS D 248 75.20 25.32 -59.73
CA LYS D 248 76.35 26.17 -59.51
C LYS D 248 75.93 27.37 -58.65
N SER D 249 74.68 27.81 -58.81
CA SER D 249 74.20 28.95 -58.04
C SER D 249 74.01 28.59 -56.58
N LEU D 250 73.69 27.33 -56.33
CA LEU D 250 73.61 26.86 -54.97
C LEU D 250 74.98 27.09 -54.31
N GLN D 251 76.04 26.66 -54.97
CA GLN D 251 77.35 26.83 -54.36
C GLN D 251 77.73 28.30 -54.28
N SER D 252 77.45 29.09 -55.33
CA SER D 252 77.83 30.50 -55.35
C SER D 252 77.19 31.24 -54.20
N ASN D 253 76.02 30.78 -53.79
CA ASN D 253 75.34 31.43 -52.70
C ASN D 253 75.42 30.65 -51.39
N SER D 254 76.41 29.77 -51.26
CA SER D 254 76.48 28.88 -50.10
C SER D 254 76.57 29.67 -48.80
N ASN D 255 77.38 30.73 -48.80
CA ASN D 255 77.59 31.57 -47.63
C ASN D 255 76.32 32.29 -47.18
N LEU D 256 75.61 32.84 -48.15
CA LEU D 256 74.34 33.47 -47.93
C LEU D 256 73.39 32.50 -47.24
N ILE D 257 73.38 31.26 -47.73
CA ILE D 257 72.59 30.19 -47.15
C ILE D 257 72.98 29.95 -45.69
N TYR D 258 74.26 29.70 -45.46
CA TYR D 258 74.71 29.43 -44.11
C TYR D 258 74.49 30.66 -43.21
N GLU D 259 74.60 31.86 -43.78
CA GLU D 259 74.30 33.08 -43.00
C GLU D 259 72.83 33.13 -42.61
N ALA D 260 71.95 32.96 -43.59
CA ALA D 260 70.53 33.02 -43.33
C ALA D 260 70.14 31.99 -42.25
N ILE D 261 70.84 30.87 -42.22
CA ILE D 261 70.52 29.81 -41.27
C ILE D 261 70.81 30.26 -39.86
N SER D 262 72.00 30.83 -39.67
CA SER D 262 72.41 31.23 -38.32
C SER D 262 71.62 32.44 -37.83
N LYS D 263 71.28 33.37 -38.73
CA LYS D 263 70.45 34.51 -38.35
C LYS D 263 69.02 34.10 -38.01
N CYS D 264 68.80 32.81 -37.83
CA CYS D 264 67.45 32.28 -37.76
C CYS D 264 67.32 31.04 -36.87
N PHE D 265 68.46 30.46 -36.48
CA PHE D 265 68.50 29.26 -35.61
C PHE D 265 69.51 29.48 -34.52
N GLY D 266 70.58 30.20 -34.86
CA GLY D 266 71.61 30.49 -33.90
C GLY D 266 72.89 29.82 -34.31
N GLU D 267 73.70 29.45 -33.33
CA GLU D 267 74.94 28.75 -33.62
C GLU D 267 74.87 27.30 -33.09
N ASN D 268 75.85 26.47 -33.45
CA ASN D 268 76.15 25.26 -32.65
C ASN D 268 76.66 25.62 -31.25
N ASP D 269 77.33 24.68 -30.58
CA ASP D 269 77.57 24.74 -29.14
C ASP D 269 76.28 24.50 -28.37
N PRO D 270 76.34 23.64 -27.33
CA PRO D 270 75.20 23.10 -26.59
C PRO D 270 74.47 24.20 -25.83
N SER D 271 74.93 25.43 -26.01
CA SER D 271 74.22 26.62 -25.56
C SER D 271 72.94 26.69 -26.40
N ASN D 272 72.60 27.86 -26.93
CA ASN D 272 71.36 27.94 -27.73
C ASN D 272 70.16 27.37 -27.03
N GLU D 273 69.40 26.59 -27.80
CA GLU D 273 68.16 25.99 -27.35
C GLU D 273 67.64 25.32 -28.57
N LEU D 274 67.85 26.00 -29.69
CA LEU D 274 67.50 25.50 -31.00
C LEU D 274 68.56 24.62 -31.64
N GLN D 275 69.56 24.18 -30.87
CA GLN D 275 70.66 23.46 -31.48
C GLN D 275 70.11 22.17 -32.05
N GLY D 276 69.11 21.61 -31.38
CA GLY D 276 68.47 20.41 -31.87
C GLY D 276 67.82 20.60 -33.23
N GLU D 277 67.04 21.67 -33.37
CA GLU D 277 66.37 22.01 -34.63
C GLU D 277 67.32 22.54 -35.72
N LEU D 278 68.39 23.19 -35.30
CA LEU D 278 69.42 23.69 -36.19
C LEU D 278 70.06 22.51 -36.96
N GLN D 279 70.16 21.37 -36.30
CA GLN D 279 70.85 20.26 -36.87
C GLN D 279 70.15 19.75 -38.13
N TYR D 280 68.82 19.81 -38.16
CA TYR D 280 68.10 19.29 -39.35
C TYR D 280 68.47 20.06 -40.59
N ILE D 281 68.33 21.37 -40.51
CA ILE D 281 68.57 22.25 -41.64
C ILE D 281 70.04 22.25 -42.05
N LEU D 282 70.95 22.03 -41.11
CA LEU D 282 72.37 21.97 -41.45
C LEU D 282 72.65 20.75 -42.33
N LYS D 283 72.06 19.61 -41.97
CA LYS D 283 72.22 18.39 -42.74
C LYS D 283 71.55 18.44 -44.12
N ALA D 284 70.44 19.17 -44.22
CA ALA D 284 69.72 19.27 -45.49
C ALA D 284 70.56 19.91 -46.56
N VAL D 285 71.35 20.85 -46.10
CA VAL D 285 72.03 21.75 -47.01
C VAL D 285 73.52 21.40 -47.06
N SER D 286 73.85 20.27 -46.44
CA SER D 286 75.23 19.96 -46.09
C SER D 286 76.08 19.52 -47.25
N ILE D 287 75.49 19.41 -48.43
CA ILE D 287 76.30 19.04 -49.59
C ILE D 287 77.15 20.23 -50.05
N LEU D 288 76.84 21.42 -49.53
CA LEU D 288 77.56 22.62 -49.88
C LEU D 288 78.97 22.67 -49.27
N ASP D 289 79.11 22.05 -48.11
CA ASP D 289 80.31 22.19 -47.28
C ASP D 289 81.32 21.08 -47.53
N THR D 290 81.57 20.77 -48.80
CA THR D 290 82.58 19.74 -49.05
C THR D 290 83.91 20.30 -49.55
#